data_4JPI
#
_entry.id   4JPI
#
_cell.length_a   172.440
_cell.length_b   172.440
_cell.length_c   92.430
_cell.angle_alpha   90.00
_cell.angle_beta   90.00
_cell.angle_gamma   120.00
#
_symmetry.space_group_name_H-M   'H 3'
#
loop_
_entity.id
_entity.type
_entity.pdbx_description
1 polymer 'Putative VRC01 germline Fab heavy chain'
2 polymer 'Putative VRC01 germline Fab light chain'
3 non-polymer GLYCEROL
4 water water
#
loop_
_entity_poly.entity_id
_entity_poly.type
_entity_poly.pdbx_seq_one_letter_code
_entity_poly.pdbx_strand_id
1 'polypeptide(L)'
;QVQLVQSGAEVKKPGASVKVSCKASGYTFTGYYMHWVRQAPGQGLEWMGWINPNSGGTNYAQKFQGRVTMTRDTSISTAY
MELSRLRSDDTAVYYCARGKNCDYNWDFQHWGQGTLVTVSSASTKGPSVFPLAPSSKSTSGGTAALGCLVKDYFPEPVTV
SWNSGALTSGVHTFPAVLQSSGLYSLSSVVTVPSSSLGTQTYICNVNHKPSNTKVDKKVEPKSCDKTHTKLGGSGGHHHH
HHGGSGHG
;
H,A
2 'polypeptide(L)'
;EIVLTQSPATLSLSPGERATLSCRASQSVSSYLAWYQQKPGQAPRLLIYDASNRATGIPARFSGSGSGTDFTLTISSLEP
EDFAVYYCQQYEFFGQGTKLEIKRSTVAPSVFIFPPSDEQLKSGTASVVCLLNNFYPREAKVQWKVDNALQSGNSQESVT
EQDSKDSTYSLSSTLTLSKADYEKHKVYACEVTHQGLSSPVTKSFNRGEC
;
L,B
#
loop_
_chem_comp.id
_chem_comp.type
_chem_comp.name
_chem_comp.formula
GOL non-polymer GLYCEROL 'C3 H8 O3'
#
# COMPACT_ATOMS: atom_id res chain seq x y z
N GLN A 1 -35.64 -2.16 -16.83
CA GLN A 1 -34.31 -1.76 -16.39
C GLN A 1 -34.09 -2.14 -14.93
N VAL A 2 -32.92 -2.70 -14.64
CA VAL A 2 -32.55 -3.03 -13.29
C VAL A 2 -32.27 -1.78 -12.49
N GLN A 3 -32.80 -1.72 -11.27
CA GLN A 3 -32.44 -0.66 -10.34
C GLN A 3 -32.04 -1.23 -8.96
N LEU A 4 -30.93 -0.75 -8.44
CA LEU A 4 -30.53 -1.05 -7.07
C LEU A 4 -30.53 0.29 -6.32
N VAL A 5 -31.39 0.40 -5.31
CA VAL A 5 -31.56 1.63 -4.52
C VAL A 5 -31.12 1.35 -3.09
N GLN A 6 -30.11 2.09 -2.62
CA GLN A 6 -29.55 1.86 -1.30
C GLN A 6 -30.09 2.85 -0.28
N SER A 7 -30.00 2.51 1.00
CA SER A 7 -30.40 3.44 2.08
C SER A 7 -29.43 4.63 2.17
N GLY A 8 -29.78 5.60 3.00
CA GLY A 8 -29.03 6.85 3.04
C GLY A 8 -27.77 6.83 3.87
N ALA A 9 -26.95 7.87 3.72
CA ALA A 9 -25.70 8.06 4.46
C ALA A 9 -25.85 7.80 5.95
N GLU A 10 -24.79 7.30 6.58
CA GLU A 10 -24.81 7.03 8.02
C GLU A 10 -23.54 7.58 8.68
N VAL A 11 -23.64 7.92 9.96
CA VAL A 11 -22.47 8.33 10.73
C VAL A 11 -22.40 7.52 12.00
N LYS A 12 -21.21 6.96 12.28
CA LYS A 12 -21.05 6.03 13.39
C LYS A 12 -19.79 6.32 14.20
N LYS A 13 -19.83 5.96 15.49
CA LYS A 13 -18.68 6.04 16.39
C LYS A 13 -17.94 4.71 16.31
N PRO A 14 -16.61 4.75 16.47
CA PRO A 14 -15.83 3.50 16.52
C PRO A 14 -16.43 2.52 17.52
N GLY A 15 -16.51 1.25 17.17
CA GLY A 15 -17.11 0.25 18.04
C GLY A 15 -18.59 0.00 17.75
N ALA A 16 -19.25 0.96 17.10
CA ALA A 16 -20.65 0.80 16.76
C ALA A 16 -20.82 -0.19 15.59
N SER A 17 -22.05 -0.45 15.20
CA SER A 17 -22.29 -1.29 14.04
C SER A 17 -23.22 -0.52 13.13
N VAL A 18 -23.17 -0.86 11.84
CA VAL A 18 -23.96 -0.17 10.81
C VAL A 18 -24.68 -1.20 9.95
N LYS A 19 -25.88 -0.86 9.50
CA LYS A 19 -26.63 -1.74 8.60
C LYS A 19 -27.16 -0.96 7.41
N VAL A 20 -26.81 -1.41 6.23
CA VAL A 20 -27.17 -0.69 5.01
C VAL A 20 -28.04 -1.60 4.16
N SER A 21 -29.06 -1.04 3.51
CA SER A 21 -29.91 -1.91 2.68
C SER A 21 -29.81 -1.55 1.21
N CYS A 22 -30.19 -2.51 0.36
CA CYS A 22 -30.19 -2.33 -1.08
C CYS A 22 -31.47 -2.97 -1.65
N LYS A 23 -32.38 -2.16 -2.19
CA LYS A 23 -33.61 -2.71 -2.77
C LYS A 23 -33.47 -2.89 -4.28
N ALA A 24 -33.77 -4.10 -4.76
CA ALA A 24 -33.60 -4.45 -6.18
C ALA A 24 -34.94 -4.49 -6.88
N SER A 25 -34.95 -4.01 -8.13
CA SER A 25 -36.14 -4.07 -8.97
C SER A 25 -35.76 -4.22 -10.44
N GLY A 26 -36.71 -4.71 -11.24
CA GLY A 26 -36.50 -4.87 -12.66
C GLY A 26 -36.01 -6.25 -13.07
N TYR A 27 -35.85 -7.15 -12.10
CA TYR A 27 -35.43 -8.52 -12.37
C TYR A 27 -35.86 -9.49 -11.28
N THR A 28 -35.66 -10.78 -11.52
CA THR A 28 -35.98 -11.81 -10.52
C THR A 28 -34.97 -11.79 -9.38
N PHE A 29 -35.39 -11.25 -8.24
CA PHE A 29 -34.48 -11.04 -7.09
C PHE A 29 -33.70 -12.28 -6.71
N THR A 30 -34.40 -13.40 -6.60
CA THR A 30 -33.77 -14.66 -6.21
C THR A 30 -32.88 -15.31 -7.30
N GLY A 31 -32.90 -14.76 -8.51
CA GLY A 31 -32.16 -15.33 -9.62
C GLY A 31 -30.68 -14.98 -9.69
N TYR A 32 -30.25 -13.98 -8.92
CA TYR A 32 -28.85 -13.56 -8.94
C TYR A 32 -28.34 -13.24 -7.54
N TYR A 33 -27.05 -13.50 -7.32
CA TYR A 33 -26.35 -13.10 -6.11
C TYR A 33 -26.29 -11.59 -6.00
N MET A 34 -26.26 -11.07 -4.78
CA MET A 34 -25.98 -9.67 -4.56
C MET A 34 -24.59 -9.57 -3.93
N HIS A 35 -23.78 -8.63 -4.40
CA HIS A 35 -22.45 -8.43 -3.82
C HIS A 35 -22.39 -7.10 -3.09
N TRP A 36 -21.42 -6.96 -2.19
CA TRP A 36 -21.17 -5.66 -1.58
C TRP A 36 -19.69 -5.33 -1.78
N VAL A 37 -19.42 -4.11 -2.25
CA VAL A 37 -18.07 -3.64 -2.56
C VAL A 37 -17.97 -2.29 -1.87
N ARG A 38 -16.84 -2.00 -1.23
CA ARG A 38 -16.71 -0.67 -0.63
C ARG A 38 -15.53 0.08 -1.22
N GLN A 39 -15.56 1.41 -1.14
CA GLN A 39 -14.46 2.24 -1.62
C GLN A 39 -14.15 3.35 -0.62
N ALA A 40 -12.96 3.30 -0.02
CA ALA A 40 -12.57 4.34 0.94
C ALA A 40 -12.26 5.60 0.16
N PRO A 41 -12.45 6.78 0.78
CA PRO A 41 -12.27 8.05 0.07
C PRO A 41 -10.86 8.22 -0.47
N GLY A 42 -10.72 8.49 -1.76
CA GLY A 42 -9.42 8.62 -2.39
C GLY A 42 -8.77 7.29 -2.78
N GLN A 43 -9.42 6.16 -2.49
CA GLN A 43 -8.83 4.84 -2.70
C GLN A 43 -9.65 3.97 -3.66
N GLY A 44 -9.22 2.71 -3.82
CA GLY A 44 -9.84 1.79 -4.78
C GLY A 44 -10.98 0.92 -4.26
N LEU A 45 -11.23 -0.19 -4.96
CA LEU A 45 -12.40 -1.03 -4.69
C LEU A 45 -12.05 -2.31 -3.93
N GLU A 46 -12.90 -2.67 -2.98
CA GLU A 46 -12.72 -3.89 -2.18
C GLU A 46 -14.02 -4.68 -2.07
N TRP A 47 -14.01 -5.93 -2.51
CA TRP A 47 -15.17 -6.80 -2.42
C TRP A 47 -15.32 -7.25 -0.97
N MET A 48 -16.55 -7.29 -0.48
CA MET A 48 -16.80 -7.69 0.92
C MET A 48 -17.44 -9.06 1.03
N GLY A 49 -18.24 -9.42 0.03
CA GLY A 49 -18.96 -10.68 0.09
C GLY A 49 -20.18 -10.71 -0.79
N TRP A 50 -20.72 -11.90 -1.01
CA TRP A 50 -22.00 -12.01 -1.68
C TRP A 50 -23.05 -12.76 -0.89
N ILE A 51 -24.31 -12.56 -1.27
CA ILE A 51 -25.38 -13.38 -0.70
C ILE A 51 -26.22 -13.93 -1.81
N ASN A 52 -26.62 -15.19 -1.65
CA ASN A 52 -27.55 -15.80 -2.59
C ASN A 52 -28.96 -15.67 -2.00
N PRO A 53 -29.79 -14.78 -2.58
CA PRO A 53 -31.08 -14.48 -1.97
C PRO A 53 -32.04 -15.65 -2.06
N ASN A 54 -31.77 -16.59 -2.95
CA ASN A 54 -32.63 -17.75 -3.06
C ASN A 54 -32.54 -18.67 -1.85
N SER A 55 -31.39 -18.68 -1.19
CA SER A 55 -31.14 -19.61 -0.09
C SER A 55 -30.75 -18.92 1.20
N GLY A 56 -30.22 -17.70 1.09
CA GLY A 56 -29.65 -17.06 2.26
C GLY A 56 -28.16 -17.36 2.39
N GLY A 57 -27.64 -18.24 1.54
CA GLY A 57 -26.22 -18.59 1.57
C GLY A 57 -25.32 -17.40 1.30
N THR A 58 -24.18 -17.35 1.98
CA THR A 58 -23.27 -16.22 1.86
C THR A 58 -21.83 -16.67 1.70
N ASN A 59 -21.01 -15.73 1.26
CA ASN A 59 -19.58 -15.93 1.14
C ASN A 59 -18.90 -14.61 1.47
N TYR A 60 -18.23 -14.52 2.61
CA TYR A 60 -17.61 -13.25 3.00
C TYR A 60 -16.12 -13.26 2.72
N ALA A 61 -15.59 -12.11 2.31
CA ALA A 61 -14.13 -11.99 2.16
C ALA A 61 -13.49 -12.32 3.51
N GLN A 62 -12.37 -13.01 3.46
CA GLN A 62 -11.63 -13.43 4.65
C GLN A 62 -11.46 -12.31 5.68
N LYS A 63 -11.10 -11.11 5.24
CA LYS A 63 -10.85 -10.04 6.20
C LYS A 63 -12.09 -9.59 6.99
N PHE A 64 -13.28 -9.89 6.48
CA PHE A 64 -14.49 -9.46 7.17
C PHE A 64 -15.21 -10.58 7.93
N GLN A 65 -14.68 -11.80 7.85
CA GLN A 65 -15.27 -12.93 8.57
C GLN A 65 -15.35 -12.60 10.05
N GLY A 66 -16.53 -12.76 10.65
CA GLY A 66 -16.69 -12.47 12.06
C GLY A 66 -17.08 -11.03 12.36
N ARG A 67 -17.01 -10.15 11.33
CA ARG A 67 -17.43 -8.76 11.47
C ARG A 67 -18.64 -8.42 10.59
N VAL A 68 -18.79 -9.11 9.47
CA VAL A 68 -19.84 -8.74 8.53
C VAL A 68 -20.99 -9.77 8.56
N THR A 69 -22.21 -9.28 8.31
CA THR A 69 -23.37 -10.18 8.20
C THR A 69 -24.25 -9.75 7.04
N MET A 70 -24.50 -10.66 6.11
CA MET A 70 -25.37 -10.35 4.98
C MET A 70 -26.65 -11.16 5.06
N THR A 71 -27.77 -10.48 4.87
CA THR A 71 -29.09 -11.12 4.95
C THR A 71 -29.93 -10.60 3.79
N ARG A 72 -31.15 -11.10 3.68
CA ARG A 72 -32.08 -10.57 2.68
C ARG A 72 -33.51 -10.82 3.10
N ASP A 73 -34.41 -10.02 2.56
CA ASP A 73 -35.84 -10.23 2.73
C ASP A 73 -36.41 -10.35 1.33
N THR A 74 -36.67 -11.58 0.93
CA THR A 74 -37.17 -11.89 -0.41
C THR A 74 -38.48 -11.17 -0.71
N SER A 75 -39.31 -10.98 0.32
CA SER A 75 -40.66 -10.43 0.13
C SER A 75 -40.65 -8.92 -0.23
N ILE A 76 -39.58 -8.21 0.14
CA ILE A 76 -39.45 -6.81 -0.30
C ILE A 76 -38.24 -6.62 -1.21
N SER A 77 -37.73 -7.73 -1.75
CA SER A 77 -36.64 -7.70 -2.73
C SER A 77 -35.47 -6.87 -2.26
N THR A 78 -35.07 -7.06 -0.99
CA THR A 78 -34.08 -6.21 -0.35
C THR A 78 -32.96 -7.04 0.26
N ALA A 79 -31.72 -6.60 0.02
CA ALA A 79 -30.56 -7.24 0.61
C ALA A 79 -29.98 -6.31 1.67
N TYR A 80 -29.41 -6.87 2.73
CA TYR A 80 -28.82 -6.03 3.77
C TYR A 80 -27.35 -6.40 4.04
N MET A 81 -26.56 -5.41 4.45
CA MET A 81 -25.21 -5.66 4.90
C MET A 81 -25.03 -5.01 6.25
N GLU A 82 -24.67 -5.81 7.24
CA GLU A 82 -24.39 -5.28 8.58
C GLU A 82 -22.90 -5.45 8.87
N LEU A 83 -22.25 -4.37 9.32
CA LEU A 83 -20.82 -4.40 9.64
C LEU A 83 -20.63 -3.92 11.08
N SER A 84 -20.00 -4.75 11.90
CA SER A 84 -19.90 -4.43 13.33
C SER A 84 -18.49 -4.07 13.76
N ARG A 85 -18.35 -3.63 15.01
CA ARG A 85 -17.06 -3.25 15.58
C ARG A 85 -16.32 -2.30 14.65
N LEU A 86 -16.99 -1.24 14.23
CA LEU A 86 -16.47 -0.33 13.21
C LEU A 86 -15.20 0.36 13.69
N ARG A 87 -14.35 0.72 12.73
CA ARG A 87 -13.16 1.49 13.02
C ARG A 87 -13.10 2.61 11.99
N SER A 88 -12.29 3.64 12.26
CA SER A 88 -12.20 4.77 11.33
C SER A 88 -11.84 4.35 9.91
N ASP A 89 -11.04 3.30 9.75
CA ASP A 89 -10.73 2.89 8.38
C ASP A 89 -11.86 2.11 7.68
N ASP A 90 -13.01 1.97 8.35
CA ASP A 90 -14.22 1.46 7.69
C ASP A 90 -14.99 2.61 7.02
N THR A 91 -14.49 3.83 7.15
CA THR A 91 -15.13 4.98 6.49
C THR A 91 -15.02 4.76 5.00
N ALA A 92 -16.17 4.70 4.31
CA ALA A 92 -16.15 4.40 2.87
C ALA A 92 -17.52 4.57 2.25
N VAL A 93 -17.57 4.49 0.93
CA VAL A 93 -18.86 4.35 0.24
C VAL A 93 -19.11 2.88 0.00
N TYR A 94 -20.22 2.35 0.53
CA TYR A 94 -20.55 0.94 0.34
C TYR A 94 -21.55 0.79 -0.79
N TYR A 95 -21.27 -0.14 -1.72
CA TYR A 95 -22.14 -0.35 -2.88
C TYR A 95 -22.67 -1.78 -2.88
N CYS A 96 -23.93 -1.94 -3.28
CA CYS A 96 -24.41 -3.27 -3.63
C CYS A 96 -24.29 -3.37 -5.13
N ALA A 97 -24.06 -4.58 -5.62
CA ALA A 97 -23.80 -4.76 -7.04
C ALA A 97 -24.35 -6.10 -7.47
N ARG A 98 -24.78 -6.21 -8.72
CA ARG A 98 -25.32 -7.47 -9.26
C ARG A 98 -24.53 -7.81 -10.52
N GLY A 99 -24.16 -9.08 -10.65
CA GLY A 99 -23.37 -9.52 -11.79
C GLY A 99 -24.22 -9.52 -13.04
N LYS A 100 -23.57 -9.46 -14.19
CA LYS A 100 -24.29 -9.46 -15.47
C LYS A 100 -24.82 -10.85 -15.75
N ASN A 101 -23.94 -11.85 -15.59
CA ASN A 101 -24.21 -13.25 -15.96
C ASN A 101 -24.21 -14.16 -14.72
N CYS A 102 -24.58 -15.44 -14.91
CA CYS A 102 -24.73 -16.34 -13.75
C CYS A 102 -23.61 -17.36 -13.46
N ASP A 103 -23.13 -18.09 -14.46
CA ASP A 103 -22.08 -19.08 -14.19
C ASP A 103 -20.75 -18.44 -13.74
N TYR A 104 -20.44 -17.27 -14.30
CA TYR A 104 -19.42 -16.40 -13.72
C TYR A 104 -20.13 -15.10 -13.44
N ASN A 105 -20.19 -14.73 -12.17
CA ASN A 105 -21.14 -13.76 -11.65
C ASN A 105 -20.47 -12.45 -11.18
N TRP A 106 -19.22 -12.28 -11.57
CA TRP A 106 -18.39 -11.23 -11.03
C TRP A 106 -18.29 -9.98 -11.91
N ASP A 107 -18.99 -9.96 -13.04
CA ASP A 107 -19.00 -8.76 -13.89
C ASP A 107 -20.13 -7.86 -13.44
N PHE A 108 -19.79 -6.85 -12.64
CA PHE A 108 -20.84 -6.04 -12.01
C PHE A 108 -21.41 -5.00 -12.99
N GLN A 109 -22.44 -5.40 -13.72
CA GLN A 109 -23.14 -4.51 -14.65
C GLN A 109 -24.04 -3.54 -13.90
N HIS A 110 -24.51 -3.94 -12.72
CA HIS A 110 -25.47 -3.12 -11.98
C HIS A 110 -24.97 -2.73 -10.60
N TRP A 111 -24.96 -1.43 -10.31
CA TRP A 111 -24.50 -0.91 -9.02
C TRP A 111 -25.58 -0.04 -8.41
N GLY A 112 -25.68 -0.05 -7.08
CA GLY A 112 -26.48 0.95 -6.38
C GLY A 112 -25.79 2.31 -6.43
N GLN A 113 -26.42 3.34 -5.88
CA GLN A 113 -25.86 4.69 -5.93
C GLN A 113 -24.78 4.86 -4.87
N GLY A 114 -24.67 3.89 -3.96
CA GLY A 114 -23.67 3.97 -2.91
C GLY A 114 -24.21 4.56 -1.62
N THR A 115 -23.68 4.11 -0.49
CA THR A 115 -24.06 4.62 0.82
C THR A 115 -22.78 5.03 1.52
N LEU A 116 -22.62 6.33 1.75
CA LEU A 116 -21.49 6.81 2.53
C LEU A 116 -21.68 6.47 4.00
N VAL A 117 -20.69 5.79 4.57
CA VAL A 117 -20.67 5.54 6.01
C VAL A 117 -19.44 6.21 6.61
N THR A 118 -19.65 7.19 7.46
CA THR A 118 -18.52 7.87 8.09
C THR A 118 -18.33 7.34 9.49
N VAL A 119 -17.13 6.85 9.76
CA VAL A 119 -16.84 6.35 11.09
C VAL A 119 -15.87 7.30 11.78
N SER A 120 -16.30 7.82 12.91
CA SER A 120 -15.56 8.88 13.59
C SER A 120 -16.08 9.15 15.00
N SER A 121 -15.19 9.65 15.86
CA SER A 121 -15.57 9.97 17.23
C SER A 121 -16.10 11.41 17.34
N ALA A 122 -16.10 12.13 16.22
CA ALA A 122 -16.59 13.50 16.22
C ALA A 122 -18.12 13.51 16.27
N SER A 123 -18.70 14.66 16.65
CA SER A 123 -20.15 14.82 16.70
C SER A 123 -20.62 15.79 15.61
N THR A 124 -21.87 15.67 15.18
CA THR A 124 -22.36 16.51 14.07
C THR A 124 -22.36 17.99 14.41
N LYS A 125 -21.88 18.81 13.48
CA LYS A 125 -21.69 20.21 13.74
C LYS A 125 -21.78 21.02 12.45
N GLY A 126 -22.55 22.11 12.50
CA GLY A 126 -22.71 22.96 11.35
C GLY A 126 -21.42 23.72 11.10
N PRO A 127 -21.20 24.12 9.85
CA PRO A 127 -20.00 24.86 9.47
C PRO A 127 -20.08 26.33 9.85
N SER A 128 -18.93 26.94 10.07
CA SER A 128 -18.84 28.39 10.09
C SER A 128 -18.52 28.82 8.67
N VAL A 129 -19.17 29.88 8.21
CA VAL A 129 -18.92 30.36 6.84
C VAL A 129 -18.25 31.74 6.84
N PHE A 130 -17.04 31.82 6.29
CA PHE A 130 -16.26 33.06 6.30
C PHE A 130 -16.01 33.53 4.89
N PRO A 131 -16.20 34.83 4.64
CA PRO A 131 -16.03 35.39 3.30
C PRO A 131 -14.56 35.43 2.90
N LEU A 132 -14.24 35.15 1.64
CA LEU A 132 -12.92 35.45 1.09
C LEU A 132 -13.08 36.64 0.18
N ALA A 133 -12.92 37.83 0.73
CA ALA A 133 -13.18 39.06 0.01
C ALA A 133 -12.21 39.27 -1.15
N PRO A 134 -12.72 39.76 -2.29
CA PRO A 134 -11.84 40.15 -3.40
C PRO A 134 -11.11 41.44 -3.06
N SER A 135 -9.87 41.54 -3.49
CA SER A 135 -9.11 42.80 -3.37
C SER A 135 -8.09 42.85 -4.50
N SER A 136 -7.17 43.80 -4.45
CA SER A 136 -6.05 43.85 -5.42
C SER A 136 -5.19 42.58 -5.39
N LYS A 137 -5.12 41.94 -4.22
CA LYS A 137 -4.34 40.71 -4.04
C LYS A 137 -5.04 39.47 -4.60
N SER A 138 -6.32 39.63 -4.95
CA SER A 138 -7.06 38.60 -5.67
C SER A 138 -7.58 39.09 -7.03
N THR A 139 -6.72 39.81 -7.77
CA THR A 139 -7.09 40.37 -9.06
C THR A 139 -5.96 40.24 -10.11
N SER A 140 -6.29 39.65 -11.26
CA SER A 140 -5.37 39.66 -12.41
C SER A 140 -6.12 40.08 -13.68
N GLY A 141 -5.53 40.94 -14.49
CA GLY A 141 -6.25 41.62 -15.55
C GLY A 141 -7.48 42.34 -15.02
N GLY A 142 -8.60 42.17 -15.72
CA GLY A 142 -9.86 42.70 -15.25
C GLY A 142 -10.68 41.58 -14.64
N THR A 143 -9.97 40.61 -14.06
CA THR A 143 -10.63 39.47 -13.41
C THR A 143 -10.28 39.46 -11.92
N ALA A 144 -11.29 39.29 -11.07
CA ALA A 144 -11.06 39.13 -9.63
C ALA A 144 -11.57 37.78 -9.14
N ALA A 145 -11.04 37.31 -8.01
CA ALA A 145 -11.52 36.07 -7.42
C ALA A 145 -12.04 36.34 -6.02
N LEU A 146 -13.13 35.69 -5.68
CA LEU A 146 -13.70 35.78 -4.35
C LEU A 146 -14.26 34.42 -4.00
N GLY A 147 -14.63 34.23 -2.75
CA GLY A 147 -15.14 32.93 -2.36
C GLY A 147 -15.56 32.82 -0.92
N CYS A 148 -15.77 31.58 -0.48
CA CYS A 148 -16.21 31.30 0.85
C CYS A 148 -15.34 30.19 1.45
N LEU A 149 -15.10 30.29 2.75
CA LEU A 149 -14.41 29.26 3.49
C LEU A 149 -15.46 28.63 4.40
N VAL A 150 -15.75 27.35 4.17
CA VAL A 150 -16.75 26.59 4.90
C VAL A 150 -16.02 25.68 5.89
N LYS A 151 -15.94 26.13 7.14
CA LYS A 151 -14.96 25.58 8.07
C LYS A 151 -15.59 24.84 9.25
N ASP A 152 -14.98 23.71 9.63
CA ASP A 152 -15.32 22.99 10.87
C ASP A 152 -16.73 22.40 10.92
N TYR A 153 -17.01 21.51 9.98
CA TYR A 153 -18.31 20.84 9.99
C TYR A 153 -18.10 19.33 10.06
N PHE A 154 -19.15 18.63 10.48
CA PHE A 154 -19.12 17.17 10.51
C PHE A 154 -20.56 16.71 10.54
N PRO A 155 -20.89 15.67 9.76
CA PRO A 155 -20.00 14.97 8.82
C PRO A 155 -20.14 15.55 7.41
N GLU A 156 -19.49 14.93 6.43
CA GLU A 156 -19.72 15.23 5.03
C GLU A 156 -21.15 14.78 4.68
N PRO A 157 -21.75 15.38 3.65
CA PRO A 157 -21.21 16.46 2.81
C PRO A 157 -21.84 17.82 3.13
N VAL A 158 -21.31 18.86 2.50
CA VAL A 158 -21.98 20.15 2.39
C VAL A 158 -22.16 20.47 0.92
N THR A 159 -23.20 21.22 0.59
CA THR A 159 -23.34 21.73 -0.76
C THR A 159 -23.16 23.24 -0.74
N VAL A 160 -22.47 23.75 -1.74
CA VAL A 160 -22.21 25.17 -1.85
C VAL A 160 -22.71 25.62 -3.21
N SER A 161 -23.49 26.69 -3.24
CA SER A 161 -23.89 27.30 -4.51
C SER A 161 -23.62 28.80 -4.45
N TRP A 162 -23.73 29.46 -5.59
CA TRP A 162 -23.50 30.90 -5.64
C TRP A 162 -24.72 31.55 -6.25
N ASN A 163 -25.21 32.57 -5.54
CA ASN A 163 -26.48 33.21 -5.88
C ASN A 163 -27.61 32.20 -6.12
N SER A 164 -27.68 31.21 -5.23
CA SER A 164 -28.73 30.18 -5.25
C SER A 164 -28.64 29.26 -6.47
N GLY A 165 -27.47 29.23 -7.12
CA GLY A 165 -27.28 28.41 -8.31
C GLY A 165 -27.41 29.17 -9.63
N ALA A 166 -27.71 30.46 -9.55
CA ALA A 166 -27.78 31.32 -10.72
C ALA A 166 -26.40 31.59 -11.31
N LEU A 167 -25.37 31.51 -10.48
CA LEU A 167 -23.99 31.73 -10.91
C LEU A 167 -23.20 30.41 -10.91
N THR A 168 -22.89 29.89 -12.09
CA THR A 168 -22.13 28.64 -12.18
C THR A 168 -20.79 28.79 -12.90
N SER A 169 -20.70 29.75 -13.82
CA SER A 169 -19.47 29.87 -14.60
C SER A 169 -18.31 30.41 -13.75
N GLY A 170 -17.20 29.68 -13.75
CA GLY A 170 -16.02 30.14 -13.04
C GLY A 170 -15.97 29.70 -11.60
N VAL A 171 -16.99 28.93 -11.18
CA VAL A 171 -17.09 28.41 -9.82
C VAL A 171 -16.24 27.16 -9.64
N HIS A 172 -15.44 27.14 -8.57
CA HIS A 172 -14.76 25.93 -8.19
C HIS A 172 -15.03 25.68 -6.70
N THR A 173 -15.69 24.58 -6.42
CA THR A 173 -15.84 24.16 -5.04
C THR A 173 -14.89 22.99 -4.79
N PHE A 174 -13.96 23.17 -3.86
CA PHE A 174 -12.90 22.18 -3.61
C PHE A 174 -13.33 20.99 -2.74
N PRO A 175 -12.71 19.82 -2.96
CA PRO A 175 -12.96 18.67 -2.09
C PRO A 175 -12.66 19.07 -0.65
N ALA A 176 -13.48 18.61 0.29
CA ALA A 176 -13.24 18.84 1.71
C ALA A 176 -11.92 18.21 2.17
N VAL A 177 -11.27 18.86 3.12
CA VAL A 177 -10.14 18.23 3.80
C VAL A 177 -10.57 17.91 5.22
N LEU A 178 -10.16 16.75 5.70
CA LEU A 178 -10.43 16.38 7.08
C LEU A 178 -9.30 16.91 7.95
N GLN A 179 -9.64 17.79 8.89
CA GLN A 179 -8.63 18.43 9.74
C GLN A 179 -8.24 17.53 10.91
N SER A 180 -7.21 17.93 11.65
CA SER A 180 -6.73 17.14 12.77
C SER A 180 -7.74 17.15 13.90
N SER A 181 -8.66 18.12 13.88
CA SER A 181 -9.71 18.22 14.89
C SER A 181 -10.76 17.12 14.70
N GLY A 182 -10.74 16.46 13.55
CA GLY A 182 -11.78 15.49 13.22
C GLY A 182 -12.91 16.16 12.46
N LEU A 183 -12.80 17.46 12.22
CA LEU A 183 -13.82 18.18 11.46
C LEU A 183 -13.36 18.50 10.04
N TYR A 184 -14.29 18.63 9.11
CA TYR A 184 -13.95 18.96 7.72
C TYR A 184 -13.93 20.45 7.46
N SER A 185 -13.22 20.84 6.40
CA SER A 185 -13.17 22.21 5.96
C SER A 185 -13.01 22.21 4.44
N LEU A 186 -13.65 23.17 3.79
CA LEU A 186 -13.56 23.29 2.35
C LEU A 186 -13.68 24.74 1.95
N SER A 187 -13.30 25.04 0.71
CA SER A 187 -13.51 26.39 0.20
C SER A 187 -14.23 26.33 -1.13
N SER A 188 -14.97 27.39 -1.44
CA SER A 188 -15.54 27.54 -2.77
C SER A 188 -15.22 28.92 -3.29
N VAL A 189 -14.64 28.98 -4.48
CA VAL A 189 -14.25 30.24 -5.08
C VAL A 189 -14.91 30.44 -6.43
N VAL A 190 -14.89 31.69 -6.89
CA VAL A 190 -15.43 32.00 -8.20
C VAL A 190 -14.68 33.21 -8.75
N THR A 191 -14.41 33.22 -10.06
CA THR A 191 -13.80 34.36 -10.71
C THR A 191 -14.84 35.12 -11.51
N VAL A 192 -14.80 36.44 -11.39
CA VAL A 192 -15.77 37.31 -12.04
C VAL A 192 -15.03 38.53 -12.60
N PRO A 193 -15.64 39.25 -13.55
CA PRO A 193 -14.97 40.47 -14.00
C PRO A 193 -14.86 41.50 -12.84
N SER A 194 -13.67 42.06 -12.67
CA SER A 194 -13.45 42.99 -11.56
C SER A 194 -14.35 44.24 -11.65
N SER A 195 -14.73 44.64 -12.85
CA SER A 195 -15.66 45.77 -13.04
C SER A 195 -17.02 45.53 -12.36
N SER A 196 -17.39 44.26 -12.16
CA SER A 196 -18.71 43.93 -11.64
C SER A 196 -18.77 43.92 -10.10
N LEU A 197 -17.61 44.06 -9.46
CA LEU A 197 -17.54 44.06 -7.99
C LEU A 197 -18.36 45.17 -7.32
N GLY A 198 -18.58 46.27 -8.03
CA GLY A 198 -19.36 47.36 -7.47
C GLY A 198 -20.85 47.29 -7.75
N THR A 199 -21.25 46.46 -8.71
CA THR A 199 -22.65 46.39 -9.14
C THR A 199 -23.35 45.04 -8.85
N GLN A 200 -22.70 43.92 -9.15
CA GLN A 200 -23.32 42.61 -8.95
C GLN A 200 -23.08 42.10 -7.52
N THR A 201 -24.12 41.59 -6.88
CA THR A 201 -23.92 41.02 -5.55
C THR A 201 -23.64 39.53 -5.64
N TYR A 202 -22.64 39.10 -4.88
CA TYR A 202 -22.25 37.71 -4.81
C TYR A 202 -22.55 37.13 -3.43
N ILE A 203 -23.37 36.11 -3.42
CA ILE A 203 -23.73 35.48 -2.15
C ILE A 203 -23.37 34.03 -2.25
N CYS A 204 -22.75 33.50 -1.21
CA CYS A 204 -22.51 32.06 -1.19
C CYS A 204 -23.52 31.37 -0.28
N ASN A 205 -24.10 30.30 -0.80
CA ASN A 205 -25.16 29.56 -0.10
C ASN A 205 -24.63 28.22 0.33
N VAL A 206 -24.54 28.01 1.62
CA VAL A 206 -23.97 26.78 2.13
C VAL A 206 -25.08 25.98 2.78
N ASN A 207 -25.28 24.76 2.30
CA ASN A 207 -26.29 23.86 2.90
C ASN A 207 -25.61 22.65 3.54
N HIS A 208 -25.85 22.45 4.83
CA HIS A 208 -25.30 21.27 5.50
C HIS A 208 -26.44 20.43 6.07
N LYS A 209 -27.01 19.56 5.24
CA LYS A 209 -28.20 18.78 5.62
C LYS A 209 -28.12 18.03 6.95
N PRO A 210 -26.95 17.42 7.28
CA PRO A 210 -26.90 16.64 8.53
C PRO A 210 -27.24 17.43 9.80
N SER A 211 -27.04 18.74 9.79
CA SER A 211 -27.42 19.56 10.95
C SER A 211 -28.51 20.54 10.57
N ASN A 212 -29.19 20.26 9.46
CA ASN A 212 -30.24 21.14 8.94
C ASN A 212 -29.82 22.61 8.83
N THR A 213 -28.53 22.82 8.54
CA THR A 213 -27.95 24.17 8.54
C THR A 213 -27.91 24.77 7.15
N LYS A 214 -28.49 25.95 6.99
CA LYS A 214 -28.39 26.70 5.75
C LYS A 214 -27.89 28.11 6.09
N VAL A 215 -26.97 28.61 5.28
CA VAL A 215 -26.27 29.86 5.55
C VAL A 215 -25.96 30.61 4.26
N ASP A 216 -26.44 31.85 4.19
CA ASP A 216 -26.18 32.75 3.08
C ASP A 216 -25.17 33.79 3.56
N LYS A 217 -24.05 33.90 2.84
CA LYS A 217 -23.01 34.86 3.20
C LYS A 217 -22.73 35.81 2.02
N LYS A 218 -22.89 37.11 2.23
CA LYS A 218 -22.56 38.07 1.17
C LYS A 218 -21.06 38.33 1.18
N VAL A 219 -20.42 38.14 0.04
CA VAL A 219 -18.99 38.36 -0.07
C VAL A 219 -18.73 39.68 -0.80
N GLU A 220 -18.26 40.68 -0.06
CA GLU A 220 -17.99 42.03 -0.61
C GLU A 220 -16.51 42.39 -0.54
N PRO A 221 -16.04 43.31 -1.41
CA PRO A 221 -14.64 43.78 -1.38
C PRO A 221 -14.20 44.31 -0.02
N ILE B 2 -4.89 -14.29 -6.08
CA ILE B 2 -4.75 -13.51 -7.32
C ILE B 2 -4.46 -12.03 -7.06
N VAL B 3 -3.31 -11.55 -7.50
CA VAL B 3 -3.06 -10.11 -7.42
C VAL B 3 -3.08 -9.47 -8.80
N LEU B 4 -3.87 -8.42 -8.92
CA LEU B 4 -4.05 -7.70 -10.19
C LEU B 4 -3.23 -6.43 -10.20
N THR B 5 -2.24 -6.40 -11.08
CA THR B 5 -1.34 -5.25 -11.21
C THR B 5 -1.71 -4.43 -12.44
N GLN B 6 -2.17 -3.21 -12.24
CA GLN B 6 -2.49 -2.35 -13.37
C GLN B 6 -1.33 -1.43 -13.73
N SER B 7 -1.20 -1.12 -15.03
CA SER B 7 -0.14 -0.26 -15.56
C SER B 7 -0.69 0.55 -16.73
N PRO B 8 -0.25 1.81 -16.85
CA PRO B 8 0.57 2.50 -15.86
C PRO B 8 -0.33 2.98 -14.72
N ALA B 9 0.25 3.50 -13.65
CA ALA B 9 -0.54 4.09 -12.58
C ALA B 9 -1.38 5.27 -13.10
N THR B 10 -0.73 6.11 -13.90
CA THR B 10 -1.34 7.32 -14.46
C THR B 10 -1.04 7.42 -15.95
N LEU B 11 -2.06 7.72 -16.76
CA LEU B 11 -1.89 7.80 -18.21
C LEU B 11 -2.45 9.12 -18.73
N SER B 12 -1.60 9.94 -19.33
CA SER B 12 -2.02 11.25 -19.78
C SER B 12 -1.90 11.38 -21.30
N LEU B 13 -3.06 11.48 -21.98
CA LEU B 13 -3.12 11.48 -23.45
C LEU B 13 -4.06 12.55 -23.99
N SER B 14 -3.84 12.96 -25.25
CA SER B 14 -4.73 13.91 -25.91
C SER B 14 -5.94 13.19 -26.51
N PRO B 15 -7.09 13.87 -26.55
CA PRO B 15 -8.30 13.36 -27.21
C PRO B 15 -7.97 12.97 -28.65
N GLY B 16 -8.63 11.95 -29.18
CA GLY B 16 -8.30 11.51 -30.52
C GLY B 16 -7.24 10.43 -30.53
N GLU B 17 -6.41 10.40 -29.49
CA GLU B 17 -5.36 9.39 -29.40
C GLU B 17 -5.89 8.06 -28.88
N ARG B 18 -5.11 7.00 -29.14
CA ARG B 18 -5.40 5.65 -28.66
C ARG B 18 -4.79 5.39 -27.27
N ALA B 19 -5.60 4.87 -26.35
CA ALA B 19 -5.11 4.50 -25.03
C ALA B 19 -5.04 2.99 -24.88
N THR B 20 -3.94 2.51 -24.29
CA THR B 20 -3.85 1.08 -23.96
C THR B 20 -3.53 0.93 -22.48
N LEU B 21 -4.43 0.25 -21.76
CA LEU B 21 -4.21 -0.02 -20.34
C LEU B 21 -3.93 -1.50 -20.12
N SER B 22 -2.94 -1.79 -19.29
CA SER B 22 -2.57 -3.17 -19.00
C SER B 22 -3.03 -3.62 -17.63
N CYS B 23 -3.38 -4.91 -17.55
CA CYS B 23 -3.74 -5.55 -16.29
C CYS B 23 -3.06 -6.89 -16.32
N ARG B 24 -2.28 -7.15 -15.28
CA ARG B 24 -1.61 -8.43 -15.17
C ARG B 24 -2.16 -9.16 -13.96
N ALA B 25 -2.50 -10.43 -14.15
CA ALA B 25 -3.15 -11.24 -13.12
C ALA B 25 -2.22 -12.37 -12.70
N SER B 26 -1.67 -12.28 -11.50
CA SER B 26 -0.60 -13.17 -11.06
C SER B 26 -0.86 -14.69 -11.14
N GLN B 27 -1.93 -15.18 -10.52
CA GLN B 27 -2.12 -16.62 -10.41
C GLN B 27 -3.29 -17.12 -11.25
N SER B 28 -3.66 -16.35 -12.26
CA SER B 28 -4.82 -16.66 -13.07
C SER B 28 -4.49 -17.57 -14.24
N VAL B 29 -5.22 -18.67 -14.38
CA VAL B 29 -5.21 -19.42 -15.64
C VAL B 29 -6.53 -19.20 -16.38
N SER B 30 -7.25 -18.16 -15.98
CA SER B 30 -8.61 -17.93 -16.50
C SER B 30 -8.64 -16.94 -17.69
N SER B 31 -9.76 -16.93 -18.41
CA SER B 31 -9.97 -15.94 -19.47
C SER B 31 -10.99 -14.86 -19.08
N TYR B 32 -11.51 -14.94 -17.85
CA TYR B 32 -12.45 -13.95 -17.37
C TYR B 32 -11.69 -12.68 -16.96
N LEU B 33 -12.26 -11.52 -17.31
CA LEU B 33 -11.77 -10.24 -16.79
C LEU B 33 -12.82 -9.17 -17.07
N ALA B 34 -13.09 -8.34 -16.07
CA ALA B 34 -13.93 -7.17 -16.30
C ALA B 34 -13.11 -5.89 -16.21
N TRP B 35 -13.52 -4.86 -16.94
CA TRP B 35 -12.95 -3.54 -16.75
C TRP B 35 -14.08 -2.60 -16.36
N TYR B 36 -13.76 -1.59 -15.55
CA TYR B 36 -14.73 -0.59 -15.09
C TYR B 36 -14.19 0.82 -15.29
N GLN B 37 -15.09 1.77 -15.54
CA GLN B 37 -14.72 3.19 -15.59
C GLN B 37 -15.41 3.84 -14.39
N GLN B 38 -14.69 4.65 -13.62
CA GLN B 38 -15.34 5.38 -12.54
C GLN B 38 -15.05 6.87 -12.68
N LYS B 39 -16.08 7.69 -12.69
CA LYS B 39 -15.87 9.13 -12.75
C LYS B 39 -16.09 9.70 -11.36
N PRO B 40 -15.54 10.89 -11.07
CA PRO B 40 -15.72 11.50 -9.75
C PRO B 40 -17.17 11.53 -9.28
N GLY B 41 -17.44 10.97 -8.10
CA GLY B 41 -18.77 11.04 -7.50
C GLY B 41 -19.77 9.99 -7.94
N GLN B 42 -19.33 9.05 -8.78
CA GLN B 42 -20.24 8.06 -9.36
C GLN B 42 -19.81 6.66 -8.98
N ALA B 43 -20.75 5.73 -9.08
CA ALA B 43 -20.43 4.31 -9.04
C ALA B 43 -19.64 3.90 -10.27
N PRO B 44 -18.84 2.83 -10.15
CA PRO B 44 -18.11 2.30 -11.31
C PRO B 44 -19.12 1.86 -12.37
N ARG B 45 -18.69 1.85 -13.63
CA ARG B 45 -19.57 1.54 -14.75
C ARG B 45 -18.86 0.42 -15.49
N LEU B 46 -19.55 -0.70 -15.71
CA LEU B 46 -18.94 -1.83 -16.40
C LEU B 46 -18.71 -1.51 -17.87
N LEU B 47 -17.48 -1.74 -18.33
CA LEU B 47 -17.09 -1.47 -19.72
C LEU B 47 -16.99 -2.77 -20.52
N ILE B 48 -16.21 -3.70 -20.00
CA ILE B 48 -15.85 -4.94 -20.69
C ILE B 48 -16.06 -6.11 -19.74
N TYR B 49 -16.54 -7.24 -20.25
CA TYR B 49 -16.62 -8.46 -19.43
C TYR B 49 -16.14 -9.63 -20.29
N ASP B 50 -15.81 -10.76 -19.67
CA ASP B 50 -15.20 -11.89 -20.38
C ASP B 50 -13.98 -11.45 -21.22
N ALA B 51 -13.25 -10.46 -20.73
CA ALA B 51 -12.00 -9.96 -21.34
C ALA B 51 -12.21 -9.07 -22.57
N SER B 52 -13.22 -9.37 -23.38
CA SER B 52 -13.38 -8.70 -24.68
C SER B 52 -14.80 -8.33 -25.13
N ASN B 53 -15.82 -8.65 -24.34
CA ASN B 53 -17.19 -8.25 -24.72
C ASN B 53 -17.53 -6.87 -24.17
N ARG B 54 -18.13 -6.02 -25.00
CA ARG B 54 -18.54 -4.68 -24.58
C ARG B 54 -19.83 -4.76 -23.76
N ALA B 55 -19.85 -4.14 -22.59
CA ALA B 55 -21.05 -4.15 -21.75
C ALA B 55 -22.17 -3.28 -22.33
N THR B 56 -23.28 -3.19 -21.62
CA THR B 56 -24.43 -2.40 -22.06
C THR B 56 -24.07 -0.94 -22.30
N GLY B 57 -24.49 -0.43 -23.47
CA GLY B 57 -24.33 0.98 -23.77
C GLY B 57 -22.90 1.46 -24.00
N ILE B 58 -21.94 0.53 -24.10
CA ILE B 58 -20.52 0.90 -24.27
C ILE B 58 -20.15 1.05 -25.75
N PRO B 59 -19.55 2.21 -26.13
CA PRO B 59 -19.20 2.57 -27.52
C PRO B 59 -18.18 1.63 -28.16
N ALA B 60 -18.19 1.51 -29.50
CA ALA B 60 -17.25 0.64 -30.23
C ALA B 60 -15.75 0.94 -30.03
N ARG B 61 -15.40 2.18 -29.71
CA ARG B 61 -13.98 2.51 -29.48
C ARG B 61 -13.36 1.83 -28.25
N PHE B 62 -14.19 1.21 -27.42
CA PHE B 62 -13.67 0.44 -26.29
C PHE B 62 -13.49 -1.01 -26.72
N SER B 63 -12.28 -1.55 -26.58
CA SER B 63 -12.06 -2.97 -26.86
C SER B 63 -11.15 -3.60 -25.81
N GLY B 64 -11.34 -4.89 -25.57
CA GLY B 64 -10.50 -5.62 -24.64
C GLY B 64 -9.93 -6.88 -25.28
N SER B 65 -8.75 -7.29 -24.83
CA SER B 65 -8.19 -8.57 -25.25
C SER B 65 -7.42 -9.20 -24.11
N GLY B 66 -6.94 -10.42 -24.33
CA GLY B 66 -6.03 -11.08 -23.41
C GLY B 66 -6.62 -12.26 -22.66
N SER B 67 -5.75 -12.99 -21.96
CA SER B 67 -6.16 -14.14 -21.16
C SER B 67 -5.01 -14.63 -20.28
N GLY B 68 -5.33 -15.56 -19.39
CA GLY B 68 -4.34 -16.10 -18.47
C GLY B 68 -3.82 -14.97 -17.59
N THR B 69 -2.54 -14.64 -17.74
CA THR B 69 -1.92 -13.68 -16.85
C THR B 69 -1.96 -12.20 -17.32
N ASP B 70 -2.08 -11.95 -18.63
CA ASP B 70 -2.03 -10.57 -19.13
C ASP B 70 -3.26 -10.14 -19.93
N PHE B 71 -3.77 -8.95 -19.64
CA PHE B 71 -4.94 -8.42 -20.32
C PHE B 71 -4.73 -6.96 -20.69
N THR B 72 -5.45 -6.51 -21.71
CA THR B 72 -5.36 -5.13 -22.14
C THR B 72 -6.74 -4.56 -22.44
N LEU B 73 -6.90 -3.29 -22.12
CA LEU B 73 -8.08 -2.51 -22.46
C LEU B 73 -7.61 -1.41 -23.39
N THR B 74 -8.25 -1.30 -24.56
CA THR B 74 -7.89 -0.29 -25.55
C THR B 74 -9.05 0.68 -25.81
N ILE B 75 -8.75 1.98 -25.84
CA ILE B 75 -9.71 2.97 -26.29
C ILE B 75 -9.21 3.61 -27.60
N SER B 76 -9.89 3.32 -28.71
CA SER B 76 -9.40 3.61 -30.06
C SER B 76 -9.09 5.06 -30.35
N SER B 77 -10.01 5.96 -30.01
CA SER B 77 -9.80 7.38 -30.24
C SER B 77 -10.49 8.12 -29.12
N LEU B 78 -9.72 8.67 -28.20
CA LEU B 78 -10.24 9.20 -26.96
C LEU B 78 -11.20 10.36 -27.18
N GLU B 79 -12.40 10.21 -26.65
CA GLU B 79 -13.33 11.32 -26.50
C GLU B 79 -13.09 11.87 -25.10
N PRO B 80 -13.38 13.16 -24.87
CA PRO B 80 -13.11 13.75 -23.55
C PRO B 80 -13.93 13.13 -22.41
N GLU B 81 -15.04 12.46 -22.76
CA GLU B 81 -15.89 11.78 -21.79
C GLU B 81 -15.26 10.47 -21.33
N ASP B 82 -14.17 10.08 -21.99
CA ASP B 82 -13.52 8.81 -21.70
C ASP B 82 -12.51 8.95 -20.56
N PHE B 83 -12.32 10.16 -20.07
CA PHE B 83 -11.27 10.37 -19.06
C PHE B 83 -11.74 10.21 -17.61
N ALA B 84 -11.09 9.31 -16.88
CA ALA B 84 -11.60 8.78 -15.62
C ALA B 84 -10.61 7.81 -14.98
N VAL B 85 -11.03 7.19 -13.88
CA VAL B 85 -10.27 6.08 -13.28
C VAL B 85 -10.76 4.70 -13.75
N TYR B 86 -9.82 3.87 -14.21
CA TYR B 86 -10.16 2.55 -14.72
C TYR B 86 -9.66 1.40 -13.83
N TYR B 87 -10.54 0.47 -13.52
CA TYR B 87 -10.20 -0.70 -12.69
C TYR B 87 -10.44 -2.01 -13.47
N CYS B 88 -9.54 -2.97 -13.29
CA CYS B 88 -9.79 -4.32 -13.79
C CYS B 88 -10.16 -5.22 -12.60
N GLN B 89 -10.74 -6.38 -12.89
CA GLN B 89 -11.25 -7.24 -11.83
C GLN B 89 -11.33 -8.69 -12.33
N GLN B 90 -10.88 -9.62 -11.49
CA GLN B 90 -11.10 -11.02 -11.77
C GLN B 90 -11.61 -11.69 -10.51
N TYR B 91 -12.77 -12.33 -10.61
CA TYR B 91 -13.42 -12.88 -9.42
C TYR B 91 -13.53 -11.75 -8.39
N GLU B 92 -13.12 -11.98 -7.15
CA GLU B 92 -13.35 -10.97 -6.11
C GLU B 92 -12.28 -9.89 -6.07
N PHE B 93 -11.24 -10.04 -6.88
CA PHE B 93 -10.06 -9.18 -6.76
C PHE B 93 -10.10 -8.01 -7.75
N PHE B 94 -9.72 -6.81 -7.29
CA PHE B 94 -9.64 -5.65 -8.19
C PHE B 94 -8.21 -5.18 -8.28
N GLY B 95 -7.87 -4.56 -9.40
CA GLY B 95 -6.58 -3.89 -9.54
C GLY B 95 -6.63 -2.57 -8.79
N GLN B 96 -5.50 -1.88 -8.71
CA GLN B 96 -5.45 -0.65 -7.94
C GLN B 96 -6.03 0.58 -8.66
N GLY B 97 -6.26 0.49 -9.97
CA GLY B 97 -6.77 1.64 -10.71
C GLY B 97 -5.73 2.37 -11.54
N THR B 98 -6.08 2.68 -12.79
CA THR B 98 -5.27 3.56 -13.61
C THR B 98 -6.06 4.84 -13.78
N LYS B 99 -5.42 5.97 -13.49
CA LYS B 99 -6.02 7.28 -13.72
C LYS B 99 -5.68 7.76 -15.12
N LEU B 100 -6.71 7.92 -15.94
CA LEU B 100 -6.53 8.41 -17.30
C LEU B 100 -6.92 9.89 -17.33
N GLU B 101 -5.94 10.77 -17.55
CA GLU B 101 -6.23 12.21 -17.60
C GLU B 101 -5.97 12.80 -18.98
N ILE B 102 -6.64 13.91 -19.26
CA ILE B 102 -6.50 14.56 -20.56
C ILE B 102 -5.23 15.38 -20.59
N LYS B 103 -4.38 15.09 -21.57
CA LYS B 103 -3.19 15.90 -21.80
C LYS B 103 -3.52 17.14 -22.63
N ARG B 104 -3.04 18.31 -22.21
CA ARG B 104 -3.30 19.55 -22.95
C ARG B 104 -2.05 20.44 -22.87
N SER B 105 -2.14 21.62 -23.47
CA SER B 105 -1.03 22.57 -23.47
C SER B 105 -0.84 23.13 -22.07
N THR B 106 0.41 23.42 -21.71
CA THR B 106 0.72 24.02 -20.42
C THR B 106 0.05 25.39 -20.19
N VAL B 107 -0.59 25.55 -19.03
CA VAL B 107 -1.17 26.83 -18.63
C VAL B 107 -0.68 27.18 -17.24
N ALA B 108 -0.14 28.39 -17.09
CA ALA B 108 0.34 28.84 -15.79
C ALA B 108 -0.85 29.20 -14.89
N PRO B 109 -0.72 28.94 -13.57
CA PRO B 109 -1.76 29.27 -12.60
C PRO B 109 -1.97 30.78 -12.51
N SER B 110 -3.22 31.24 -12.41
CA SER B 110 -3.47 32.58 -11.91
C SER B 110 -3.52 32.46 -10.39
N VAL B 111 -2.70 33.23 -9.69
CA VAL B 111 -2.55 33.06 -8.25
C VAL B 111 -3.23 34.19 -7.50
N PHE B 112 -4.05 33.87 -6.51
CA PHE B 112 -4.72 34.87 -5.68
C PHE B 112 -4.51 34.57 -4.20
N ILE B 113 -4.48 35.60 -3.36
CA ILE B 113 -4.32 35.36 -1.93
C ILE B 113 -5.36 36.12 -1.11
N PHE B 114 -5.89 35.47 -0.08
CA PHE B 114 -6.96 36.06 0.72
C PHE B 114 -6.57 36.09 2.19
N PRO B 115 -6.48 37.30 2.77
CA PRO B 115 -6.28 37.45 4.22
C PRO B 115 -7.50 36.91 4.96
N PRO B 116 -7.36 36.65 6.27
CA PRO B 116 -8.50 36.18 7.08
C PRO B 116 -9.60 37.24 7.19
N SER B 117 -10.86 36.81 7.30
CA SER B 117 -11.98 37.74 7.41
C SER B 117 -12.06 38.33 8.82
N ASP B 118 -12.68 39.49 8.95
CA ASP B 118 -12.83 40.10 10.26
C ASP B 118 -13.64 39.18 11.16
N GLU B 119 -14.61 38.49 10.58
CA GLU B 119 -15.50 37.60 11.34
C GLU B 119 -14.77 36.39 11.92
N GLN B 120 -13.85 35.80 11.17
CA GLN B 120 -13.06 34.71 11.72
C GLN B 120 -12.16 35.25 12.82
N LEU B 121 -11.52 36.39 12.55
CA LEU B 121 -10.62 37.02 13.50
C LEU B 121 -11.31 37.27 14.83
N LYS B 122 -12.56 37.69 14.76
CA LYS B 122 -13.38 37.90 15.96
C LYS B 122 -13.53 36.60 16.74
N SER B 123 -13.50 35.47 16.03
CA SER B 123 -13.66 34.16 16.67
C SER B 123 -12.34 33.56 17.18
N GLY B 124 -11.23 34.31 17.01
CA GLY B 124 -9.95 33.90 17.58
C GLY B 124 -9.00 33.15 16.66
N THR B 125 -9.36 33.03 15.39
CA THR B 125 -8.59 32.21 14.45
C THR B 125 -8.31 32.94 13.14
N ALA B 126 -7.23 32.56 12.47
CA ALA B 126 -6.87 33.19 11.21
C ALA B 126 -6.51 32.18 10.13
N SER B 127 -7.34 32.09 9.11
CA SER B 127 -7.05 31.25 7.97
C SER B 127 -6.67 32.13 6.80
N VAL B 128 -5.51 31.87 6.20
CA VAL B 128 -5.09 32.55 5.00
C VAL B 128 -5.22 31.54 3.88
N VAL B 129 -5.78 31.96 2.75
CA VAL B 129 -6.06 31.07 1.63
C VAL B 129 -5.35 31.56 0.36
N CYS B 130 -4.74 30.61 -0.35
CA CYS B 130 -4.07 30.87 -1.60
C CYS B 130 -4.83 30.07 -2.65
N LEU B 131 -5.20 30.73 -3.73
CA LEU B 131 -5.87 30.06 -4.84
C LEU B 131 -4.96 30.04 -6.07
N LEU B 132 -4.81 28.84 -6.64
CA LEU B 132 -4.14 28.63 -7.92
C LEU B 132 -5.22 28.22 -8.90
N ASN B 133 -5.54 29.12 -9.82
CA ASN B 133 -6.71 28.91 -10.66
C ASN B 133 -6.34 28.52 -12.10
N ASN B 134 -6.96 27.45 -12.59
CA ASN B 134 -6.92 27.01 -13.99
C ASN B 134 -5.52 26.77 -14.54
N PHE B 135 -4.89 25.67 -14.14
CA PHE B 135 -3.51 25.43 -14.58
C PHE B 135 -3.33 24.00 -15.08
N TYR B 136 -2.27 23.79 -15.86
CA TYR B 136 -1.94 22.44 -16.32
C TYR B 136 -0.46 22.44 -16.62
N PRO B 137 0.27 21.36 -16.28
CA PRO B 137 -0.21 20.11 -15.66
C PRO B 137 -0.53 20.23 -14.19
N ARG B 138 -0.89 19.09 -13.61
CA ARG B 138 -1.43 19.02 -12.27
C ARG B 138 -0.35 19.31 -11.25
N GLU B 139 0.87 18.92 -11.56
CA GLU B 139 1.99 19.08 -10.61
C GLU B 139 2.22 20.55 -10.26
N ALA B 140 1.99 20.89 -9.00
CA ALA B 140 2.21 22.26 -8.52
C ALA B 140 2.58 22.26 -7.05
N LYS B 141 3.57 23.08 -6.71
CA LYS B 141 4.04 23.19 -5.34
C LYS B 141 3.70 24.56 -4.75
N VAL B 142 3.00 24.54 -3.62
CA VAL B 142 2.69 25.74 -2.88
C VAL B 142 3.44 25.77 -1.54
N GLN B 143 4.20 26.84 -1.29
CA GLN B 143 4.87 27.01 -0.01
C GLN B 143 4.45 28.31 0.67
N TRP B 144 4.18 28.21 1.97
CA TRP B 144 3.76 29.35 2.77
C TRP B 144 4.95 29.96 3.49
N LYS B 145 5.11 31.28 3.36
CA LYS B 145 6.19 31.97 4.06
C LYS B 145 5.63 33.11 4.88
N VAL B 146 6.02 33.15 6.14
CA VAL B 146 5.55 34.19 7.05
C VAL B 146 6.75 34.97 7.56
N ASP B 147 6.80 36.25 7.21
CA ASP B 147 8.00 37.07 7.43
C ASP B 147 9.24 36.36 6.88
N ASN B 148 9.07 35.78 5.69
CA ASN B 148 10.11 35.05 4.96
C ASN B 148 10.49 33.70 5.56
N ALA B 149 9.79 33.28 6.61
CA ALA B 149 10.06 31.99 7.23
C ALA B 149 9.14 30.89 6.68
N LEU B 150 9.73 29.77 6.29
CA LEU B 150 8.98 28.66 5.71
C LEU B 150 8.11 27.95 6.75
N GLN B 151 6.83 27.73 6.40
CA GLN B 151 5.89 27.01 7.29
C GLN B 151 5.73 25.54 6.87
N SER B 152 5.54 24.67 7.86
CA SER B 152 5.17 23.29 7.59
C SER B 152 4.21 22.73 8.64
N GLY B 153 3.26 21.91 8.20
CA GLY B 153 2.36 21.23 9.12
C GLY B 153 1.24 22.09 9.67
N ASN B 154 1.13 23.32 9.18
CA ASN B 154 0.00 24.18 9.55
C ASN B 154 -0.79 24.62 8.32
N SER B 155 -0.69 23.86 7.23
CA SER B 155 -1.47 24.14 6.03
C SER B 155 -2.06 22.87 5.45
N GLN B 156 -3.22 23.01 4.80
CA GLN B 156 -3.86 21.89 4.12
C GLN B 156 -4.27 22.34 2.71
N GLU B 157 -4.22 21.41 1.75
CA GLU B 157 -4.57 21.77 0.39
C GLU B 157 -5.54 20.79 -0.24
N SER B 158 -6.20 21.26 -1.30
CA SER B 158 -7.20 20.46 -1.99
C SER B 158 -7.16 20.85 -3.47
N VAL B 159 -7.45 19.90 -4.34
CA VAL B 159 -7.36 20.14 -5.77
C VAL B 159 -8.65 19.70 -6.45
N THR B 160 -9.13 20.48 -7.42
CA THR B 160 -10.35 20.09 -8.12
C THR B 160 -10.04 18.94 -9.08
N GLU B 161 -11.08 18.22 -9.51
CA GLU B 161 -10.92 17.27 -10.60
C GLU B 161 -10.66 18.04 -11.91
N GLN B 162 -10.12 17.35 -12.91
CA GLN B 162 -9.78 18.01 -14.16
C GLN B 162 -11.07 18.55 -14.79
N ASP B 163 -11.06 19.82 -15.16
CA ASP B 163 -12.26 20.46 -15.68
C ASP B 163 -12.69 19.85 -17.02
N SER B 164 -13.97 19.52 -17.16
CA SER B 164 -14.46 18.83 -18.35
C SER B 164 -14.47 19.70 -19.62
N LYS B 165 -14.46 21.01 -19.42
CA LYS B 165 -14.39 21.96 -20.54
C LYS B 165 -12.96 22.23 -21.01
N ASP B 166 -12.10 22.72 -20.12
CA ASP B 166 -10.76 23.15 -20.55
C ASP B 166 -9.62 22.30 -20.01
N SER B 167 -9.97 21.18 -19.35
CA SER B 167 -8.99 20.22 -18.86
C SER B 167 -7.95 20.83 -17.93
N THR B 168 -8.28 21.93 -17.24
CA THR B 168 -7.34 22.47 -16.26
C THR B 168 -7.67 22.03 -14.84
N TYR B 169 -6.75 22.35 -13.91
CA TYR B 169 -6.94 22.06 -12.49
C TYR B 169 -6.98 23.37 -11.70
N SER B 170 -7.52 23.32 -10.49
CA SER B 170 -7.38 24.42 -9.57
C SER B 170 -7.01 23.87 -8.21
N LEU B 171 -6.28 24.66 -7.44
CA LEU B 171 -5.78 24.20 -6.15
C LEU B 171 -6.11 25.26 -5.10
N SER B 172 -6.51 24.81 -3.92
CA SER B 172 -6.74 25.73 -2.82
C SER B 172 -5.88 25.29 -1.66
N SER B 173 -5.09 26.22 -1.12
CA SER B 173 -4.26 25.90 0.04
C SER B 173 -4.61 26.85 1.19
N THR B 174 -4.80 26.30 2.39
CA THR B 174 -5.20 27.10 3.52
C THR B 174 -4.14 27.00 4.61
N LEU B 175 -3.61 28.14 5.05
CA LEU B 175 -2.68 28.19 6.18
C LEU B 175 -3.49 28.70 7.38
N THR B 176 -3.47 27.96 8.48
CA THR B 176 -4.29 28.35 9.62
C THR B 176 -3.49 28.60 10.89
N LEU B 177 -3.67 29.79 11.47
CA LEU B 177 -3.01 30.12 12.74
C LEU B 177 -4.05 30.65 13.72
N SER B 178 -3.66 30.80 14.98
CA SER B 178 -4.49 31.52 15.96
C SER B 178 -4.39 33.00 15.66
N LYS B 179 -5.38 33.77 16.12
CA LYS B 179 -5.35 35.22 16.00
C LYS B 179 -4.10 35.80 16.68
N ALA B 180 -3.77 35.29 17.87
CA ALA B 180 -2.60 35.79 18.59
C ALA B 180 -1.31 35.59 17.80
N ASP B 181 -1.14 34.44 17.16
CA ASP B 181 0.07 34.19 16.41
C ASP B 181 0.07 35.04 15.14
N TYR B 182 -1.09 35.14 14.51
CA TYR B 182 -1.24 35.89 13.27
C TYR B 182 -0.78 37.34 13.43
N GLU B 183 -1.07 37.94 14.58
CA GLU B 183 -0.75 39.34 14.80
C GLU B 183 0.70 39.59 15.22
N LYS B 184 1.44 38.51 15.47
CA LYS B 184 2.86 38.61 15.80
C LYS B 184 3.73 38.76 14.55
N HIS B 185 3.12 38.64 13.37
CA HIS B 185 3.87 38.71 12.13
C HIS B 185 3.25 39.72 11.17
N LYS B 186 4.01 40.07 10.13
CA LYS B 186 3.64 41.14 9.23
C LYS B 186 3.29 40.65 7.81
N VAL B 187 4.24 39.94 7.19
CA VAL B 187 4.09 39.58 5.79
C VAL B 187 3.71 38.12 5.63
N TYR B 188 2.60 37.90 4.92
CA TYR B 188 2.10 36.57 4.66
C TYR B 188 2.21 36.31 3.17
N ALA B 189 2.79 35.18 2.79
CA ALA B 189 3.08 34.95 1.39
C ALA B 189 2.94 33.50 0.97
N CYS B 190 2.36 33.27 -0.21
CA CYS B 190 2.41 31.95 -0.80
C CYS B 190 3.31 31.98 -2.03
N GLU B 191 4.20 30.99 -2.12
CA GLU B 191 5.17 30.92 -3.23
C GLU B 191 4.80 29.72 -4.07
N VAL B 192 4.54 29.96 -5.36
CA VAL B 192 4.01 28.92 -6.22
C VAL B 192 5.06 28.46 -7.23
N THR B 193 5.28 27.16 -7.30
CA THR B 193 6.16 26.59 -8.31
C THR B 193 5.35 25.74 -9.27
N HIS B 194 5.45 26.03 -10.57
CA HIS B 194 4.73 25.25 -11.57
C HIS B 194 5.50 25.36 -12.88
N GLN B 195 5.45 24.33 -13.72
CA GLN B 195 6.25 24.36 -14.93
C GLN B 195 5.87 25.49 -15.89
N GLY B 196 4.68 26.06 -15.73
CA GLY B 196 4.27 27.16 -16.60
C GLY B 196 4.87 28.49 -16.19
N LEU B 197 5.49 28.50 -15.01
CA LEU B 197 6.11 29.71 -14.46
C LEU B 197 7.64 29.63 -14.59
N SER B 198 8.25 30.63 -15.22
CA SER B 198 9.70 30.61 -15.40
C SER B 198 10.42 30.60 -14.05
N SER B 199 9.91 31.38 -13.10
CA SER B 199 10.45 31.35 -11.75
C SER B 199 9.28 31.26 -10.80
N PRO B 200 9.51 30.84 -9.54
CA PRO B 200 8.43 30.78 -8.53
C PRO B 200 7.71 32.11 -8.36
N VAL B 201 6.38 32.08 -8.36
CA VAL B 201 5.59 33.30 -8.17
C VAL B 201 5.20 33.47 -6.70
N THR B 202 5.38 34.69 -6.19
CA THR B 202 5.04 35.01 -4.81
C THR B 202 3.90 36.01 -4.81
N LYS B 203 2.79 35.64 -4.20
CA LYS B 203 1.70 36.56 -3.89
C LYS B 203 1.69 36.75 -2.38
N SER B 204 1.62 37.99 -1.92
CA SER B 204 1.78 38.28 -0.50
C SER B 204 0.97 39.51 -0.09
N PHE B 205 0.82 39.71 1.23
CA PHE B 205 0.21 40.92 1.75
C PHE B 205 0.73 41.26 3.14
N ASN B 206 0.64 42.55 3.48
CA ASN B 206 1.02 43.06 4.81
C ASN B 206 -0.17 43.16 5.75
N ARG B 207 -0.16 42.40 6.84
CA ARG B 207 -1.19 42.53 7.87
C ARG B 207 -1.19 43.94 8.44
N GLN C 1 28.97 12.65 10.59
CA GLN C 1 29.23 11.47 11.41
C GLN C 1 28.15 11.19 12.46
N VAL C 2 26.89 11.26 12.06
CA VAL C 2 25.81 10.80 12.92
C VAL C 2 25.85 9.27 13.01
N GLN C 3 25.68 8.74 14.20
CA GLN C 3 25.71 7.28 14.41
C GLN C 3 24.69 6.90 15.48
N LEU C 4 23.80 5.96 15.14
CA LEU C 4 22.81 5.42 16.07
C LEU C 4 23.15 3.96 16.30
N VAL C 5 23.51 3.62 17.54
CA VAL C 5 23.91 2.25 17.85
C VAL C 5 22.90 1.60 18.80
N GLN C 6 22.28 0.52 18.34
CA GLN C 6 21.27 -0.15 19.15
C GLN C 6 21.81 -1.37 19.92
N SER C 7 21.09 -1.78 20.96
CA SER C 7 21.45 -2.95 21.78
C SER C 7 21.24 -4.26 21.01
N GLY C 8 21.73 -5.37 21.57
CA GLY C 8 21.70 -6.66 20.92
C GLY C 8 20.34 -7.32 20.80
N ALA C 9 20.26 -8.36 19.97
CA ALA C 9 19.02 -9.13 19.75
C ALA C 9 18.48 -9.74 21.04
N GLU C 10 17.15 -9.79 21.17
CA GLU C 10 16.51 -10.35 22.34
C GLU C 10 15.54 -11.47 21.98
N VAL C 11 15.39 -12.43 22.89
CA VAL C 11 14.38 -13.49 22.76
C VAL C 11 13.47 -13.48 23.98
N LYS C 12 12.16 -13.37 23.77
CA LYS C 12 11.22 -13.16 24.87
C LYS C 12 10.01 -14.10 24.85
N LYS C 13 9.41 -14.32 26.02
CA LYS C 13 8.18 -15.10 26.15
C LYS C 13 6.98 -14.16 26.03
N PRO C 14 5.85 -14.67 25.51
CA PRO C 14 4.62 -13.86 25.50
C PRO C 14 4.29 -13.43 26.91
N GLY C 15 3.81 -12.20 27.07
CA GLY C 15 3.54 -11.67 28.39
C GLY C 15 4.71 -10.87 28.94
N ALA C 16 5.92 -11.20 28.49
CA ALA C 16 7.09 -10.48 28.99
C ALA C 16 7.18 -9.08 28.36
N SER C 17 8.14 -8.29 28.83
CA SER C 17 8.43 -6.99 28.25
C SER C 17 9.86 -6.98 27.74
N VAL C 18 10.15 -6.11 26.76
CA VAL C 18 11.51 -5.97 26.27
C VAL C 18 11.92 -4.51 26.31
N LYS C 19 13.20 -4.24 26.52
CA LYS C 19 13.73 -2.88 26.50
C LYS C 19 14.89 -2.82 25.52
N VAL C 20 14.78 -1.93 24.55
CA VAL C 20 15.80 -1.79 23.53
C VAL C 20 16.35 -0.37 23.64
N SER C 21 17.67 -0.23 23.53
CA SER C 21 18.28 1.09 23.64
C SER C 21 18.92 1.55 22.33
N CYS C 22 19.05 2.86 22.17
CA CYS C 22 19.69 3.45 21.00
C CYS C 22 20.64 4.56 21.43
N LYS C 23 21.95 4.36 21.26
CA LYS C 23 22.93 5.37 21.66
C LYS C 23 23.30 6.25 20.48
N ALA C 24 23.11 7.57 20.63
CA ALA C 24 23.34 8.50 19.52
C ALA C 24 24.68 9.21 19.68
N SER C 25 25.43 9.35 18.59
CA SER C 25 26.68 10.10 18.63
C SER C 25 26.81 10.96 17.38
N GLY C 26 27.66 11.99 17.46
CA GLY C 26 27.95 12.82 16.31
C GLY C 26 27.08 14.04 16.16
N TYR C 27 26.22 14.32 17.14
CA TYR C 27 25.36 15.49 17.09
C TYR C 27 24.76 15.75 18.46
N THR C 28 24.18 16.93 18.67
CA THR C 28 23.52 17.25 19.93
C THR C 28 22.24 16.42 20.12
N PHE C 29 22.28 15.52 21.10
CA PHE C 29 21.20 14.57 21.36
C PHE C 29 19.83 15.22 21.53
N THR C 30 19.80 16.33 22.27
CA THR C 30 18.54 16.97 22.62
C THR C 30 17.97 17.82 21.48
N GLY C 31 18.70 17.89 20.37
CA GLY C 31 18.27 18.73 19.27
C GLY C 31 17.28 18.08 18.33
N TYR C 32 17.13 16.76 18.42
CA TYR C 32 16.37 16.06 17.39
C TYR C 32 15.45 15.03 17.99
N TYR C 33 14.24 14.92 17.46
CA TYR C 33 13.35 13.85 17.89
C TYR C 33 13.92 12.50 17.48
N MET C 34 13.73 11.49 18.32
CA MET C 34 14.10 10.14 17.98
C MET C 34 12.82 9.36 17.73
N HIS C 35 12.78 8.58 16.66
CA HIS C 35 11.62 7.79 16.33
C HIS C 35 11.94 6.30 16.46
N TRP C 36 10.89 5.49 16.58
CA TRP C 36 11.07 4.04 16.55
C TRP C 36 10.13 3.45 15.50
N VAL C 37 10.71 2.58 14.68
CA VAL C 37 10.01 1.99 13.55
C VAL C 37 10.32 0.51 13.56
N ARG C 38 9.28 -0.33 13.50
CA ARG C 38 9.53 -1.76 13.52
C ARG C 38 9.20 -2.42 12.19
N GLN C 39 9.77 -3.60 11.96
CA GLN C 39 9.54 -4.33 10.73
C GLN C 39 9.45 -5.84 10.98
N ALA C 40 8.28 -6.42 10.71
CA ALA C 40 8.06 -7.84 10.92
C ALA C 40 8.71 -8.60 9.77
N PRO C 41 9.16 -9.85 10.02
CA PRO C 41 9.88 -10.60 8.98
C PRO C 41 9.10 -10.63 7.68
N GLY C 42 9.73 -10.28 6.57
CA GLY C 42 9.09 -10.31 5.27
C GLY C 42 7.95 -9.31 5.10
N GLN C 43 7.88 -8.34 5.99
CA GLN C 43 6.77 -7.39 5.98
C GLN C 43 7.24 -5.93 5.91
N GLY C 44 6.28 -5.00 5.94
CA GLY C 44 6.57 -3.60 5.73
C GLY C 44 7.01 -2.88 6.99
N LEU C 45 6.99 -1.54 6.94
CA LEU C 45 7.48 -0.72 8.04
C LEU C 45 6.34 -0.07 8.80
N GLU C 46 6.45 -0.04 10.12
CA GLU C 46 5.41 0.49 11.00
C GLU C 46 6.02 1.44 12.03
N TRP C 47 5.62 2.71 11.96
CA TRP C 47 6.07 3.70 12.92
C TRP C 47 5.41 3.41 14.26
N MET C 48 6.17 3.58 15.35
CA MET C 48 5.65 3.29 16.67
C MET C 48 5.47 4.52 17.52
N GLY C 49 6.30 5.54 17.30
CA GLY C 49 6.22 6.71 18.15
C GLY C 49 7.50 7.51 18.13
N TRP C 50 7.43 8.73 18.66
CA TRP C 50 8.64 9.53 18.82
C TRP C 50 8.83 10.00 20.25
N ILE C 51 10.06 10.39 20.55
CA ILE C 51 10.35 11.04 21.82
C ILE C 51 11.15 12.30 21.54
N ASN C 52 10.79 13.38 22.24
CA ASN C 52 11.56 14.61 22.23
C ASN C 52 12.52 14.56 23.42
N PRO C 53 13.79 14.27 23.15
CA PRO C 53 14.77 14.08 24.24
C PRO C 53 15.02 15.35 25.04
N ASN C 54 14.63 16.50 24.50
CA ASN C 54 14.76 17.77 25.20
C ASN C 54 13.74 17.85 26.35
N SER C 55 12.67 17.08 26.27
CA SER C 55 11.56 17.24 27.20
C SER C 55 11.10 15.93 27.84
N GLY C 56 11.36 14.82 27.17
CA GLY C 56 10.80 13.55 27.57
C GLY C 56 9.41 13.37 27.00
N GLY C 57 8.89 14.43 26.36
CA GLY C 57 7.59 14.38 25.71
C GLY C 57 7.56 13.28 24.66
N THR C 58 6.45 12.57 24.58
CA THR C 58 6.34 11.45 23.66
C THR C 58 5.03 11.47 22.86
N ASN C 59 5.03 10.73 21.77
CA ASN C 59 3.81 10.53 20.99
C ASN C 59 3.83 9.11 20.46
N TYR C 60 2.95 8.25 20.98
CA TYR C 60 2.88 6.85 20.53
C TYR C 60 1.77 6.64 19.53
N ALA C 61 2.04 5.82 18.51
CA ALA C 61 0.99 5.34 17.62
C ALA C 61 -0.13 4.69 18.45
N GLN C 62 -1.37 4.82 17.99
CA GLN C 62 -2.54 4.47 18.79
C GLN C 62 -2.57 3.01 19.27
N LYS C 63 -2.20 2.07 18.41
CA LYS C 63 -2.21 0.66 18.78
C LYS C 63 -1.16 0.26 19.83
N PHE C 64 -0.21 1.15 20.12
CA PHE C 64 0.78 0.87 21.17
C PHE C 64 0.50 1.62 22.47
N GLN C 65 -0.45 2.55 22.44
CA GLN C 65 -0.81 3.29 23.64
C GLN C 65 -1.14 2.30 24.75
N GLY C 66 -0.50 2.44 25.90
CA GLY C 66 -0.76 1.52 26.99
C GLY C 66 0.21 0.35 27.08
N ARG C 67 0.96 0.07 26.01
CA ARG C 67 1.89 -1.05 25.98
C ARG C 67 3.35 -0.60 25.84
N VAL C 68 3.55 0.58 25.25
CA VAL C 68 4.89 1.05 24.93
C VAL C 68 5.31 2.23 25.81
N THR C 69 6.60 2.32 26.12
CA THR C 69 7.14 3.42 26.91
C THR C 69 8.46 3.87 26.31
N MET C 70 8.53 5.15 25.94
CA MET C 70 9.79 5.69 25.43
C MET C 70 10.38 6.66 26.44
N THR C 71 11.65 6.42 26.78
CA THR C 71 12.41 7.30 27.66
C THR C 71 13.75 7.63 27.06
N ARG C 72 14.49 8.50 27.74
CA ARG C 72 15.85 8.82 27.34
C ARG C 72 16.73 9.18 28.53
N ASP C 73 18.03 8.94 28.39
CA ASP C 73 19.01 9.42 29.34
C ASP C 73 19.95 10.39 28.60
N THR C 74 19.82 11.69 28.86
CA THR C 74 20.52 12.65 28.01
C THR C 74 22.00 12.71 28.32
N SER C 75 22.35 12.40 29.57
CA SER C 75 23.75 12.45 29.98
C SER C 75 24.58 11.45 29.19
N ILE C 76 23.98 10.35 28.75
CA ILE C 76 24.71 9.38 27.94
C ILE C 76 24.16 9.28 26.52
N SER C 77 23.39 10.29 26.11
CA SER C 77 22.85 10.36 24.74
C SER C 77 22.13 9.07 24.32
N THR C 78 21.34 8.48 25.23
CA THR C 78 20.68 7.20 24.91
C THR C 78 19.16 7.26 25.03
N ALA C 79 18.47 6.75 24.00
CA ALA C 79 17.02 6.59 24.02
C ALA C 79 16.62 5.13 24.28
N TYR C 80 15.46 4.93 24.92
CA TYR C 80 14.98 3.59 25.20
C TYR C 80 13.55 3.38 24.73
N MET C 81 13.30 2.18 24.22
CA MET C 81 11.94 1.76 23.90
C MET C 81 11.63 0.48 24.66
N GLU C 82 10.61 0.53 25.51
CA GLU C 82 10.16 -0.65 26.25
C GLU C 82 8.76 -1.05 25.80
N LEU C 83 8.59 -2.30 25.44
CA LEU C 83 7.31 -2.79 24.94
C LEU C 83 6.84 -3.93 25.84
N SER C 84 5.70 -3.76 26.50
CA SER C 84 5.28 -4.77 27.45
C SER C 84 4.18 -5.66 26.88
N ARG C 85 3.77 -6.65 27.68
CA ARG C 85 2.72 -7.57 27.29
C ARG C 85 2.95 -8.13 25.89
N LEU C 86 4.18 -8.56 25.63
CA LEU C 86 4.55 -9.01 24.29
C LEU C 86 3.69 -10.17 23.79
N ARG C 87 3.48 -10.19 22.48
CA ARG C 87 2.78 -11.30 21.85
C ARG C 87 3.59 -11.72 20.63
N SER C 88 3.38 -12.94 20.15
CA SER C 88 4.20 -13.48 19.07
C SER C 88 4.28 -12.53 17.88
N ASP C 89 3.18 -11.85 17.57
CA ASP C 89 3.18 -10.91 16.47
C ASP C 89 3.91 -9.58 16.74
N ASP C 90 4.57 -9.46 17.88
CA ASP C 90 5.50 -8.35 18.08
C ASP C 90 6.87 -8.71 17.54
N THR C 91 7.03 -9.96 17.10
CA THR C 91 8.31 -10.38 16.52
C THR C 91 8.67 -9.51 15.33
N ALA C 92 9.84 -8.87 15.41
CA ALA C 92 10.20 -7.88 14.40
C ALA C 92 11.62 -7.34 14.59
N VAL C 93 12.08 -6.58 13.60
CA VAL C 93 13.28 -5.79 13.77
C VAL C 93 12.90 -4.36 14.15
N TYR C 94 13.36 -3.93 15.33
CA TYR C 94 13.05 -2.60 15.85
C TYR C 94 14.17 -1.61 15.55
N TYR C 95 13.85 -0.51 14.88
CA TYR C 95 14.84 0.51 14.54
C TYR C 95 14.59 1.81 15.28
N CYS C 96 15.67 2.49 15.67
CA CYS C 96 15.53 3.90 16.01
C CYS C 96 15.96 4.74 14.80
N ALA C 97 15.29 5.87 14.61
CA ALA C 97 15.52 6.70 13.45
C ALA C 97 15.52 8.18 13.81
N ARG C 98 16.29 8.96 13.07
CA ARG C 98 16.38 10.40 13.32
C ARG C 98 16.20 11.16 12.02
N GLY C 99 15.46 12.27 12.09
CA GLY C 99 15.19 13.09 10.92
C GLY C 99 16.44 13.76 10.35
N LYS C 100 16.35 14.20 9.09
CA LYS C 100 17.48 14.79 8.40
C LYS C 100 17.94 16.10 9.05
N ASN C 101 16.97 16.89 9.53
CA ASN C 101 17.28 18.14 10.24
C ASN C 101 16.11 18.63 11.07
N TRP C 106 10.52 14.37 9.83
CA TRP C 106 10.12 12.99 9.54
C TRP C 106 10.88 12.32 8.39
N ASP C 107 11.85 13.01 7.79
CA ASP C 107 12.67 12.41 6.74
C ASP C 107 13.82 11.61 7.36
N PHE C 108 13.61 10.31 7.56
CA PHE C 108 14.54 9.50 8.35
C PHE C 108 15.87 9.21 7.66
N GLN C 109 16.80 10.15 7.78
CA GLN C 109 18.07 10.08 7.10
C GLN C 109 19.01 9.14 7.85
N HIS C 110 18.71 8.95 9.13
CA HIS C 110 19.64 8.24 9.99
C HIS C 110 18.91 7.10 10.68
N TRP C 111 19.46 5.89 10.59
CA TRP C 111 18.84 4.71 11.20
C TRP C 111 19.86 3.97 12.04
N GLY C 112 19.40 3.32 13.10
CA GLY C 112 20.22 2.38 13.83
C GLY C 112 20.33 1.11 13.01
N GLN C 113 21.14 0.15 13.46
CA GLN C 113 21.35 -1.07 12.70
C GLN C 113 20.17 -2.02 12.89
N GLY C 114 19.28 -1.67 13.81
CA GLY C 114 18.13 -2.51 14.11
C GLY C 114 18.39 -3.54 15.19
N THR C 115 17.34 -3.91 15.90
CA THR C 115 17.42 -4.87 16.98
C THR C 115 16.35 -5.95 16.78
N LEU C 116 16.77 -7.16 16.48
CA LEU C 116 15.83 -8.25 16.31
C LEU C 116 15.18 -8.67 17.63
N VAL C 117 13.85 -8.66 17.68
CA VAL C 117 13.16 -9.16 18.87
C VAL C 117 12.24 -10.32 18.49
N THR C 118 12.50 -11.48 19.10
CA THR C 118 11.72 -12.67 18.85
C THR C 118 10.84 -12.96 20.06
N VAL C 119 9.53 -13.07 19.83
CA VAL C 119 8.60 -13.41 20.91
C VAL C 119 8.07 -14.81 20.67
N SER C 120 8.18 -15.67 21.69
CA SER C 120 7.76 -17.06 21.57
C SER C 120 7.70 -17.81 22.90
N SER C 121 6.78 -18.75 22.99
CA SER C 121 6.68 -19.63 24.16
C SER C 121 7.68 -20.78 24.10
N ALA C 122 8.29 -21.00 22.93
CA ALA C 122 9.31 -22.03 22.76
C ALA C 122 10.51 -21.81 23.68
N SER C 123 11.16 -22.90 24.09
CA SER C 123 12.41 -22.82 24.86
C SER C 123 13.62 -23.18 23.99
N THR C 124 14.81 -22.77 24.45
CA THR C 124 16.06 -23.01 23.71
C THR C 124 16.28 -24.49 23.43
N LYS C 125 16.52 -24.83 22.16
CA LYS C 125 16.62 -26.22 21.76
C LYS C 125 17.53 -26.41 20.54
N GLY C 126 18.52 -27.30 20.67
CA GLY C 126 19.42 -27.57 19.58
C GLY C 126 18.75 -28.36 18.46
N PRO C 127 19.21 -28.16 17.23
CA PRO C 127 18.67 -28.81 16.02
C PRO C 127 19.02 -30.28 15.93
N SER C 128 18.13 -31.04 15.29
CA SER C 128 18.44 -32.40 14.89
C SER C 128 18.83 -32.34 13.42
N VAL C 129 19.94 -32.95 13.04
CA VAL C 129 20.44 -32.88 11.65
C VAL C 129 20.28 -34.21 10.92
N PHE C 130 19.41 -34.23 9.91
CA PHE C 130 19.13 -35.43 9.15
C PHE C 130 19.66 -35.29 7.74
N PRO C 131 20.33 -36.33 7.22
CA PRO C 131 20.93 -36.27 5.89
C PRO C 131 19.87 -36.31 4.81
N LEU C 132 20.09 -35.56 3.74
CA LEU C 132 19.27 -35.67 2.52
C LEU C 132 20.12 -36.38 1.48
N ALA C 133 19.90 -37.68 1.36
CA ALA C 133 20.75 -38.56 0.54
C ALA C 133 20.60 -38.32 -0.95
N PRO C 134 21.73 -38.32 -1.68
CA PRO C 134 21.81 -38.11 -3.13
C PRO C 134 20.83 -38.97 -3.93
N LYS C 137 22.71 -42.98 -8.91
CA LYS C 137 23.84 -42.96 -8.00
C LYS C 137 25.12 -42.59 -8.75
N SER C 138 26.26 -42.95 -8.18
CA SER C 138 27.57 -42.69 -8.79
C SER C 138 27.62 -43.25 -10.21
N THR C 139 27.58 -42.35 -11.18
CA THR C 139 27.60 -42.69 -12.60
C THR C 139 28.38 -41.59 -13.33
N SER C 140 29.07 -41.95 -14.41
CA SER C 140 29.95 -41.01 -15.12
C SER C 140 29.28 -39.67 -15.49
N GLY C 141 27.98 -39.71 -15.80
CA GLY C 141 27.27 -38.51 -16.21
C GLY C 141 26.14 -38.14 -15.27
N GLY C 142 25.61 -36.92 -15.43
CA GLY C 142 24.53 -36.47 -14.59
C GLY C 142 24.97 -35.68 -13.37
N THR C 143 24.01 -34.94 -12.83
CA THR C 143 24.21 -34.10 -11.66
C THR C 143 23.38 -34.68 -10.53
N ALA C 144 23.95 -34.71 -9.33
CA ALA C 144 23.23 -35.13 -8.13
C ALA C 144 23.09 -33.94 -7.17
N ALA C 145 22.09 -34.02 -6.30
CA ALA C 145 21.88 -33.04 -5.25
C ALA C 145 21.81 -33.80 -3.94
N LEU C 146 22.46 -33.26 -2.92
CA LEU C 146 22.39 -33.84 -1.59
C LEU C 146 22.30 -32.68 -0.61
N GLY C 147 22.02 -32.98 0.66
CA GLY C 147 21.86 -31.90 1.62
C GLY C 147 21.64 -32.34 3.05
N CYS C 148 21.36 -31.35 3.91
CA CYS C 148 21.05 -31.56 5.31
C CYS C 148 19.70 -30.94 5.66
N LEU C 149 18.95 -31.59 6.53
CA LEU C 149 17.72 -31.03 7.07
C LEU C 149 17.98 -30.70 8.52
N VAL C 150 18.02 -29.40 8.82
CA VAL C 150 18.29 -28.91 10.15
C VAL C 150 16.94 -28.64 10.82
N LYS C 151 16.51 -29.58 11.66
CA LYS C 151 15.11 -29.60 12.06
C LYS C 151 14.92 -29.37 13.55
N ASP C 152 13.86 -28.64 13.89
CA ASP C 152 13.39 -28.46 15.26
C ASP C 152 14.39 -27.75 16.18
N TYR C 153 14.67 -26.48 15.90
CA TYR C 153 15.56 -25.73 16.76
C TYR C 153 14.97 -24.38 17.16
N PHE C 154 15.48 -23.83 18.26
CA PHE C 154 15.06 -22.51 18.73
C PHE C 154 16.12 -21.89 19.64
N PRO C 155 16.38 -20.58 19.47
CA PRO C 155 15.83 -19.71 18.43
C PRO C 155 16.77 -19.61 17.22
N GLU C 156 16.45 -18.72 16.27
CA GLU C 156 17.35 -18.42 15.17
C GLU C 156 18.61 -17.75 15.71
N PRO C 157 19.73 -17.82 14.97
CA PRO C 157 19.93 -18.45 13.68
C PRO C 157 20.75 -19.73 13.79
N VAL C 158 20.81 -20.49 12.71
CA VAL C 158 21.78 -21.57 12.60
C VAL C 158 22.69 -21.25 11.42
N THR C 159 23.96 -21.61 11.52
CA THR C 159 24.85 -21.51 10.37
C THR C 159 25.19 -22.90 9.86
N VAL C 160 25.28 -23.03 8.54
CA VAL C 160 25.59 -24.28 7.89
C VAL C 160 26.69 -24.05 6.88
N SER C 161 27.75 -24.84 6.94
CA SER C 161 28.73 -24.82 5.85
C SER C 161 28.90 -26.24 5.37
N TRP C 162 29.61 -26.39 4.26
CA TRP C 162 29.84 -27.70 3.67
C TRP C 162 31.32 -27.97 3.58
N ASN C 163 31.73 -29.13 4.10
CA ASN C 163 33.14 -29.53 4.06
C ASN C 163 34.04 -28.45 4.68
N SER C 164 33.63 -27.95 5.85
CA SER C 164 34.38 -26.92 6.60
C SER C 164 34.64 -25.64 5.80
N GLY C 165 33.71 -25.27 4.93
CA GLY C 165 33.86 -24.07 4.12
C GLY C 165 34.62 -24.33 2.83
N ALA C 166 35.11 -25.56 2.62
CA ALA C 166 35.87 -25.88 1.42
C ALA C 166 34.97 -25.99 0.18
N LEU C 167 33.66 -26.18 0.41
CA LEU C 167 32.69 -26.28 -0.67
C LEU C 167 31.64 -25.17 -0.56
N THR C 168 31.63 -24.29 -1.57
CA THR C 168 30.71 -23.16 -1.59
C THR C 168 29.88 -23.13 -2.89
N SER C 169 30.46 -23.62 -3.98
CA SER C 169 29.78 -23.61 -5.27
C SER C 169 28.55 -24.50 -5.25
N GLY C 170 27.43 -23.97 -5.72
CA GLY C 170 26.21 -24.76 -5.80
C GLY C 170 25.51 -24.96 -4.48
N VAL C 171 26.03 -24.35 -3.41
CA VAL C 171 25.38 -24.42 -2.10
C VAL C 171 24.20 -23.44 -1.98
N HIS C 172 23.09 -23.92 -1.42
CA HIS C 172 21.91 -23.10 -1.18
C HIS C 172 21.40 -23.44 0.21
N THR C 173 21.46 -22.48 1.12
CA THR C 173 20.89 -22.66 2.44
C THR C 173 19.62 -21.85 2.43
N PHE C 174 18.49 -22.51 2.68
CA PHE C 174 17.18 -21.85 2.58
C PHE C 174 16.82 -21.12 3.87
N PRO C 175 16.02 -20.04 3.78
CA PRO C 175 15.48 -19.33 4.93
C PRO C 175 14.77 -20.33 5.85
N ALA C 176 14.96 -20.21 7.14
CA ALA C 176 14.26 -21.07 8.10
C ALA C 176 12.76 -20.87 7.99
N VAL C 177 12.02 -21.94 8.16
CA VAL C 177 10.57 -21.85 8.24
C VAL C 177 10.15 -22.13 9.69
N LEU C 178 9.23 -21.32 10.23
CA LEU C 178 8.72 -21.53 11.57
C LEU C 178 7.57 -22.56 11.52
N GLN C 179 7.70 -23.66 12.27
CA GLN C 179 6.70 -24.73 12.25
C GLN C 179 5.60 -24.46 13.26
N SER C 180 4.49 -25.20 13.16
CA SER C 180 3.38 -25.03 14.10
C SER C 180 3.72 -25.47 15.52
N SER C 181 4.93 -25.99 15.71
CA SER C 181 5.39 -26.37 17.05
C SER C 181 6.09 -25.20 17.74
N GLY C 182 6.40 -24.15 16.96
CA GLY C 182 7.13 -23.01 17.47
C GLY C 182 8.63 -23.17 17.31
N LEU C 183 9.05 -24.28 16.70
CA LEU C 183 10.47 -24.52 16.43
C LEU C 183 10.77 -24.27 14.95
N TYR C 184 11.99 -23.85 14.65
CA TYR C 184 12.37 -23.61 13.26
C TYR C 184 12.91 -24.86 12.58
N SER C 185 12.84 -24.86 11.25
CA SER C 185 13.41 -25.95 10.47
C SER C 185 13.91 -25.36 9.15
N LEU C 186 15.11 -25.74 8.75
CA LEU C 186 15.63 -25.34 7.44
C LEU C 186 16.44 -26.46 6.80
N SER C 187 16.69 -26.32 5.50
CA SER C 187 17.52 -27.28 4.80
C SER C 187 18.61 -26.53 4.08
N SER C 188 19.71 -27.23 3.82
CA SER C 188 20.80 -26.70 3.04
C SER C 188 21.15 -27.80 2.06
N VAL C 189 21.19 -27.47 0.77
CA VAL C 189 21.46 -28.44 -0.27
C VAL C 189 22.68 -27.99 -1.09
N VAL C 190 23.19 -28.89 -1.92
CA VAL C 190 24.28 -28.54 -2.81
C VAL C 190 24.26 -29.50 -4.02
N THR C 191 24.56 -28.98 -5.20
CA THR C 191 24.59 -29.85 -6.37
C THR C 191 26.03 -30.17 -6.73
N VAL C 192 26.28 -31.43 -7.06
CA VAL C 192 27.61 -31.91 -7.38
C VAL C 192 27.53 -32.90 -8.52
N PRO C 193 28.64 -33.09 -9.25
CA PRO C 193 28.71 -34.15 -10.26
C PRO C 193 28.45 -35.52 -9.66
N SER C 194 27.58 -36.29 -10.31
CA SER C 194 27.32 -37.68 -9.92
C SER C 194 28.61 -38.49 -9.80
N SER C 195 29.53 -38.24 -10.70
CA SER C 195 30.81 -38.96 -10.73
C SER C 195 31.62 -38.77 -9.45
N SER C 196 31.37 -37.68 -8.72
CA SER C 196 32.19 -37.35 -7.55
C SER C 196 31.66 -38.00 -6.27
N LEU C 197 30.50 -38.65 -6.36
CA LEU C 197 29.87 -39.28 -5.21
C LEU C 197 30.67 -40.46 -4.64
N GLY C 198 31.45 -41.11 -5.49
CA GLY C 198 32.26 -42.23 -5.02
C GLY C 198 33.68 -41.84 -4.62
N THR C 199 34.05 -40.60 -4.87
CA THR C 199 35.42 -40.13 -4.60
C THR C 199 35.46 -39.05 -3.51
N GLN C 200 34.46 -38.17 -3.51
CA GLN C 200 34.42 -37.04 -2.57
C GLN C 200 33.44 -37.28 -1.43
N THR C 201 33.87 -37.02 -0.20
CA THR C 201 33.01 -37.11 0.96
C THR C 201 32.35 -35.77 1.24
N TYR C 202 31.03 -35.80 1.45
CA TYR C 202 30.28 -34.57 1.72
C TYR C 202 29.75 -34.50 3.15
N ILE C 203 30.07 -33.38 3.81
CA ILE C 203 29.83 -33.20 5.24
C ILE C 203 29.12 -31.87 5.46
N CYS C 204 28.01 -31.91 6.16
CA CYS C 204 27.23 -30.73 6.51
C CYS C 204 27.68 -30.27 7.92
N ASN C 205 28.17 -29.04 8.03
CA ASN C 205 28.61 -28.50 9.32
C ASN C 205 27.56 -27.53 9.85
N VAL C 206 26.87 -27.94 10.91
CA VAL C 206 25.78 -27.15 11.46
C VAL C 206 26.18 -26.58 12.82
N ASN C 207 26.10 -25.27 12.95
CA ASN C 207 26.37 -24.60 14.23
C ASN C 207 25.14 -23.81 14.68
N HIS C 208 24.72 -24.06 15.91
CA HIS C 208 23.61 -23.33 16.53
C HIS C 208 24.16 -22.76 17.83
N LYS C 209 24.69 -21.54 17.74
CA LYS C 209 25.32 -20.88 18.88
C LYS C 209 24.50 -20.77 20.18
N PRO C 210 23.18 -20.45 20.11
CA PRO C 210 22.42 -20.26 21.35
C PRO C 210 22.35 -21.50 22.23
N SER C 211 22.56 -22.68 21.66
CA SER C 211 22.58 -23.90 22.45
C SER C 211 23.98 -24.55 22.43
N ASN C 212 24.99 -23.80 21.96
CA ASN C 212 26.35 -24.30 21.84
C ASN C 212 26.43 -25.68 21.16
N THR C 213 25.58 -25.86 20.15
CA THR C 213 25.49 -27.10 19.39
C THR C 213 26.33 -27.01 18.13
N LYS C 214 27.16 -28.02 17.90
CA LYS C 214 27.90 -28.16 16.66
C LYS C 214 27.74 -29.59 16.16
N VAL C 215 27.36 -29.75 14.91
CA VAL C 215 27.12 -31.08 14.37
C VAL C 215 27.78 -31.22 13.02
N ASP C 216 28.61 -32.26 12.85
CA ASP C 216 29.13 -32.59 11.52
C ASP C 216 28.44 -33.86 11.03
N LYS C 217 27.62 -33.74 9.99
CA LYS C 217 26.87 -34.88 9.49
C LYS C 217 27.35 -35.28 8.09
N LYS C 218 27.81 -36.52 7.97
CA LYS C 218 28.23 -37.07 6.70
C LYS C 218 27.01 -37.44 5.83
N VAL C 219 26.95 -36.91 4.61
CA VAL C 219 25.82 -37.21 3.73
C VAL C 219 26.32 -38.15 2.63
N GLU C 220 25.88 -39.40 2.67
CA GLU C 220 26.38 -40.40 1.72
C GLU C 220 25.25 -41.12 0.99
N PRO C 221 25.52 -41.58 -0.24
CA PRO C 221 24.50 -42.27 -1.04
C PRO C 221 24.01 -43.53 -0.34
N ILE D 2 -4.69 9.24 6.21
CA ILE D 2 -4.02 9.22 4.91
C ILE D 2 -3.32 7.89 4.63
N VAL D 3 -3.58 7.35 3.43
CA VAL D 3 -3.10 6.05 3.00
C VAL D 3 -2.26 6.20 1.74
N LEU D 4 -1.09 5.58 1.74
CA LEU D 4 -0.24 5.53 0.56
C LEU D 4 -0.35 4.16 -0.11
N THR D 5 -0.63 4.17 -1.40
CA THR D 5 -0.70 2.92 -2.14
C THR D 5 0.44 2.88 -3.16
N GLN D 6 1.33 1.89 -3.05
CA GLN D 6 2.43 1.74 -4.00
C GLN D 6 2.09 0.73 -5.07
N SER D 7 2.77 0.87 -6.20
CA SER D 7 2.53 0.02 -7.36
C SER D 7 3.75 0.06 -8.27
N PRO D 8 4.08 -1.06 -8.91
CA PRO D 8 3.46 -2.37 -8.67
C PRO D 8 4.07 -3.02 -7.43
N ALA D 9 3.57 -4.18 -7.05
CA ALA D 9 4.13 -4.93 -5.93
C ALA D 9 5.52 -5.48 -6.26
N THR D 10 5.71 -5.89 -7.51
CA THR D 10 7.00 -6.39 -7.95
C THR D 10 7.27 -5.83 -9.34
N LEU D 11 8.48 -5.34 -9.54
CA LEU D 11 8.84 -4.82 -10.85
C LEU D 11 10.09 -5.58 -11.31
N SER D 12 9.99 -6.22 -12.47
CA SER D 12 11.05 -7.09 -12.97
C SER D 12 11.73 -6.46 -14.19
N LEU D 13 12.96 -5.99 -14.01
CA LEU D 13 13.68 -5.28 -15.07
C LEU D 13 15.13 -5.73 -15.19
N SER D 14 15.75 -5.43 -16.33
CA SER D 14 17.16 -5.78 -16.55
C SER D 14 18.07 -4.60 -16.23
N PRO D 15 19.28 -4.87 -15.74
CA PRO D 15 20.24 -3.80 -15.45
C PRO D 15 20.43 -2.93 -16.69
N GLY D 16 20.43 -1.61 -16.51
CA GLY D 16 20.53 -0.71 -17.64
C GLY D 16 19.18 -0.16 -18.07
N GLU D 17 18.09 -0.82 -17.64
CA GLU D 17 16.75 -0.34 -17.96
C GLU D 17 16.29 0.77 -17.02
N ARG D 18 15.25 1.48 -17.43
CA ARG D 18 14.65 2.55 -16.64
C ARG D 18 13.50 2.00 -15.81
N ALA D 19 13.55 2.24 -14.50
CA ALA D 19 12.49 1.84 -13.57
C ALA D 19 11.66 3.04 -13.08
N THR D 20 10.35 2.86 -13.00
CA THR D 20 9.47 3.89 -12.49
C THR D 20 8.51 3.23 -11.51
N LEU D 21 8.49 3.74 -10.29
CA LEU D 21 7.64 3.20 -9.22
C LEU D 21 6.61 4.26 -8.84
N SER D 22 5.39 3.80 -8.55
CA SER D 22 4.29 4.72 -8.27
C SER D 22 3.92 4.73 -6.80
N CYS D 23 3.73 5.92 -6.24
CA CYS D 23 3.13 6.05 -4.92
C CYS D 23 1.92 6.94 -5.07
N ARG D 24 0.80 6.52 -4.52
CA ARG D 24 -0.42 7.30 -4.68
C ARG D 24 -1.05 7.59 -3.31
N ALA D 25 -1.21 8.88 -3.01
CA ALA D 25 -1.78 9.31 -1.73
C ALA D 25 -3.29 9.47 -1.78
N SER D 26 -3.96 9.10 -0.69
CA SER D 26 -5.43 9.14 -0.65
C SER D 26 -6.00 10.55 -0.63
N GLN D 27 -5.19 11.51 -0.19
CA GLN D 27 -5.58 12.93 -0.26
C GLN D 27 -4.38 13.72 -0.74
N SER D 28 -4.61 14.92 -1.25
CA SER D 28 -3.51 15.74 -1.74
C SER D 28 -2.60 16.10 -0.58
N VAL D 29 -1.31 15.80 -0.73
CA VAL D 29 -0.34 16.04 0.33
C VAL D 29 0.81 16.94 -0.10
N SER D 30 0.57 17.76 -1.12
CA SER D 30 1.59 18.64 -1.69
C SER D 30 2.87 17.84 -1.97
N SER D 31 4.00 18.29 -1.44
CA SER D 31 5.28 17.63 -1.72
C SER D 31 5.82 16.85 -0.51
N TYR D 32 4.97 16.62 0.49
CA TYR D 32 5.41 15.95 1.70
C TYR D 32 5.48 14.45 1.46
N LEU D 33 6.55 13.99 0.83
CA LEU D 33 6.67 12.56 0.56
C LEU D 33 8.13 12.17 0.45
N ALA D 34 8.49 11.06 1.08
CA ALA D 34 9.86 10.56 0.99
C ALA D 34 9.91 9.14 0.42
N TRP D 35 11.08 8.76 -0.10
CA TRP D 35 11.27 7.40 -0.62
C TRP D 35 12.46 6.74 0.07
N TYR D 36 12.36 5.44 0.35
CA TYR D 36 13.45 4.70 1.00
C TYR D 36 13.79 3.46 0.20
N GLN D 37 15.06 3.06 0.26
CA GLN D 37 15.50 1.79 -0.30
C GLN D 37 15.89 0.88 0.87
N GLN D 38 15.54 -0.40 0.78
CA GLN D 38 15.99 -1.37 1.77
C GLN D 38 16.49 -2.62 1.08
N LYS D 39 17.72 -2.99 1.40
CA LYS D 39 18.30 -4.23 0.91
C LYS D 39 18.17 -5.25 2.02
N PRO D 40 18.21 -6.55 1.68
CA PRO D 40 18.08 -7.64 2.67
C PRO D 40 19.00 -7.47 3.88
N GLY D 41 18.46 -7.59 5.08
CA GLY D 41 19.25 -7.54 6.29
C GLY D 41 19.78 -6.18 6.69
N GLN D 42 19.31 -5.13 6.01
CA GLN D 42 19.81 -3.79 6.25
C GLN D 42 18.67 -2.82 6.60
N ALA D 43 19.01 -1.78 7.35
CA ALA D 43 18.06 -0.70 7.60
C ALA D 43 17.71 -0.02 6.28
N PRO D 44 16.53 0.60 6.21
CA PRO D 44 16.18 1.41 5.03
C PRO D 44 17.11 2.58 4.91
N ARG D 45 17.23 3.15 3.72
CA ARG D 45 17.99 4.37 3.60
C ARG D 45 17.23 5.38 2.77
N LEU D 46 17.35 6.64 3.18
CA LEU D 46 16.62 7.73 2.57
C LEU D 46 17.15 8.02 1.18
N LEU D 47 16.28 7.99 0.18
CA LEU D 47 16.68 8.34 -1.19
C LEU D 47 16.23 9.75 -1.54
N ILE D 48 14.93 9.97 -1.39
CA ILE D 48 14.30 11.22 -1.79
C ILE D 48 13.47 11.74 -0.63
N TYR D 49 13.53 13.06 -0.41
CA TYR D 49 12.61 13.73 0.51
C TYR D 49 12.00 14.93 -0.20
N ASP D 50 10.88 15.41 0.33
CA ASP D 50 10.18 16.57 -0.23
C ASP D 50 9.81 16.29 -1.69
N ALA D 51 9.50 15.02 -1.96
CA ALA D 51 9.05 14.51 -3.26
C ALA D 51 10.13 14.39 -4.35
N SER D 52 11.04 15.36 -4.40
CA SER D 52 12.03 15.38 -5.48
C SER D 52 13.48 15.66 -5.04
N ASN D 53 13.71 15.97 -3.77
CA ASN D 53 15.07 16.32 -3.33
C ASN D 53 15.92 15.08 -3.00
N ARG D 54 17.06 14.92 -3.65
CA ARG D 54 17.90 13.74 -3.39
C ARG D 54 18.61 13.85 -2.06
N ALA D 55 18.61 12.75 -1.29
CA ALA D 55 19.30 12.72 0.00
C ALA D 55 20.80 12.55 -0.21
N THR D 56 21.57 12.67 0.86
CA THR D 56 23.02 12.73 0.72
C THR D 56 23.63 11.42 0.22
N GLY D 57 24.60 11.54 -0.69
CA GLY D 57 25.25 10.39 -1.30
C GLY D 57 24.40 9.58 -2.27
N ILE D 58 23.23 10.09 -2.61
CA ILE D 58 22.34 9.37 -3.53
C ILE D 58 22.63 9.72 -5.00
N PRO D 59 22.93 8.70 -5.83
CA PRO D 59 23.30 8.91 -7.25
C PRO D 59 22.23 9.66 -8.04
N ALA D 60 22.67 10.46 -9.01
CA ALA D 60 21.80 11.28 -9.85
C ALA D 60 20.79 10.48 -10.69
N ARG D 61 21.04 9.18 -10.86
CA ARG D 61 20.09 8.34 -11.60
C ARG D 61 18.77 8.12 -10.86
N PHE D 62 18.75 8.39 -9.55
CA PHE D 62 17.49 8.35 -8.78
C PHE D 62 16.84 9.72 -8.87
N SER D 63 15.58 9.78 -9.28
CA SER D 63 14.83 11.04 -9.26
C SER D 63 13.39 10.83 -8.81
N GLY D 64 12.90 11.77 -8.02
CA GLY D 64 11.52 11.74 -7.56
C GLY D 64 10.76 12.85 -8.22
N SER D 65 9.49 12.59 -8.56
CA SER D 65 8.64 13.65 -9.11
C SER D 65 7.23 13.52 -8.54
N GLY D 66 6.41 14.55 -8.78
CA GLY D 66 5.03 14.55 -8.34
C GLY D 66 4.80 15.55 -7.23
N SER D 67 3.55 15.99 -7.09
CA SER D 67 3.17 16.89 -6.00
C SER D 67 1.65 16.95 -5.91
N GLY D 68 1.11 16.40 -4.83
CA GLY D 68 -0.33 16.27 -4.65
C GLY D 68 -0.72 14.86 -4.23
N THR D 69 -1.21 14.08 -5.20
CA THR D 69 -1.61 12.71 -4.92
C THR D 69 -0.73 11.67 -5.61
N ASP D 70 -0.16 12.03 -6.75
CA ASP D 70 0.56 11.05 -7.58
C ASP D 70 2.05 11.33 -7.66
N PHE D 71 2.84 10.36 -7.20
CA PHE D 71 4.28 10.53 -7.09
C PHE D 71 4.99 9.40 -7.82
N THR D 72 6.20 9.68 -8.26
CA THR D 72 6.96 8.68 -9.01
C THR D 72 8.41 8.65 -8.55
N LEU D 73 8.97 7.45 -8.37
CA LEU D 73 10.42 7.31 -8.24
C LEU D 73 10.94 6.72 -9.54
N THR D 74 11.88 7.42 -10.18
CA THR D 74 12.47 6.92 -11.42
C THR D 74 13.96 6.62 -11.19
N ILE D 75 14.39 5.47 -11.69
CA ILE D 75 15.80 5.12 -11.70
C ILE D 75 16.23 5.05 -13.14
N SER D 76 17.07 5.99 -13.57
CA SER D 76 17.41 6.18 -14.98
C SER D 76 17.89 4.91 -15.66
N SER D 77 18.92 4.30 -15.10
CA SER D 77 19.45 3.07 -15.64
C SER D 77 19.97 2.21 -14.50
N LEU D 78 19.15 1.23 -14.14
CA LEU D 78 19.40 0.33 -13.04
C LEU D 78 20.81 -0.25 -13.03
N GLU D 79 21.45 -0.15 -11.86
CA GLU D 79 22.66 -0.88 -11.55
C GLU D 79 22.24 -2.11 -10.74
N PRO D 80 23.07 -3.16 -10.71
CA PRO D 80 22.73 -4.37 -9.94
C PRO D 80 22.42 -4.05 -8.47
N GLU D 81 23.07 -3.04 -7.90
CA GLU D 81 22.83 -2.69 -6.50
C GLU D 81 21.44 -2.07 -6.28
N ASP D 82 20.81 -1.61 -7.34
CA ASP D 82 19.54 -0.90 -7.22
C ASP D 82 18.38 -1.86 -7.02
N PHE D 83 18.65 -3.15 -7.16
CA PHE D 83 17.61 -4.16 -6.98
C PHE D 83 17.39 -4.44 -5.49
N ALA D 84 16.21 -4.04 -5.01
CA ALA D 84 15.92 -3.98 -3.59
C ALA D 84 14.42 -3.71 -3.39
N VAL D 85 14.02 -3.53 -2.13
CA VAL D 85 12.65 -3.09 -1.82
C VAL D 85 12.59 -1.57 -1.67
N TYR D 86 11.55 -0.93 -2.22
CA TYR D 86 11.37 0.52 -2.10
C TYR D 86 10.07 0.89 -1.38
N TYR D 87 10.15 1.83 -0.44
CA TYR D 87 8.99 2.29 0.34
C TYR D 87 8.75 3.79 0.21
N CYS D 88 7.50 4.19 0.08
CA CYS D 88 7.19 5.61 0.19
C CYS D 88 6.64 5.92 1.58
N GLN D 89 6.74 7.18 1.96
CA GLN D 89 6.44 7.60 3.32
C GLN D 89 5.95 9.03 3.38
N GLN D 90 4.94 9.23 4.20
CA GLN D 90 4.62 10.55 4.67
C GLN D 90 4.22 10.53 6.14
N TYR D 91 4.92 11.35 6.94
CA TYR D 91 4.80 11.36 8.39
C TYR D 91 4.85 9.93 8.93
N GLU D 92 3.85 9.54 9.69
CA GLU D 92 3.87 8.22 10.31
C GLU D 92 3.53 7.07 9.37
N PHE D 93 3.05 7.38 8.16
CA PHE D 93 2.56 6.35 7.25
C PHE D 93 3.57 5.88 6.22
N PHE D 94 3.73 4.56 6.09
CA PHE D 94 4.57 3.98 5.03
C PHE D 94 3.70 3.21 4.04
N GLY D 95 4.14 3.14 2.78
CA GLY D 95 3.47 2.32 1.78
C GLY D 95 3.89 0.87 1.93
N GLN D 96 3.22 -0.03 1.23
CA GLN D 96 3.42 -1.47 1.41
C GLN D 96 4.73 -1.95 0.79
N GLY D 97 5.30 -1.13 -0.10
CA GLY D 97 6.60 -1.43 -0.71
C GLY D 97 6.50 -1.99 -2.12
N THR D 98 7.58 -1.83 -2.89
CA THR D 98 7.66 -2.41 -4.21
C THR D 98 8.98 -3.18 -4.22
N LYS D 99 8.97 -4.44 -4.66
CA LYS D 99 10.22 -5.18 -4.79
C LYS D 99 10.69 -5.12 -6.24
N LEU D 100 11.90 -4.60 -6.42
CA LEU D 100 12.50 -4.52 -7.74
C LEU D 100 13.42 -5.75 -7.90
N GLU D 101 13.13 -6.57 -8.93
CA GLU D 101 13.79 -7.88 -9.14
C GLU D 101 14.48 -7.90 -10.51
N ILE D 102 15.57 -8.64 -10.65
CA ILE D 102 16.27 -8.69 -11.93
C ILE D 102 15.55 -9.59 -12.93
N LYS D 103 15.30 -9.06 -14.13
CA LYS D 103 14.71 -9.83 -15.23
C LYS D 103 15.83 -10.55 -16.00
N ARG D 104 15.66 -11.85 -16.26
CA ARG D 104 16.59 -12.59 -17.12
C ARG D 104 15.81 -13.64 -17.91
N SER D 105 16.50 -14.40 -18.75
CA SER D 105 15.84 -15.40 -19.59
C SER D 105 15.28 -16.54 -18.73
N THR D 106 14.22 -17.17 -19.20
CA THR D 106 13.59 -18.28 -18.47
C THR D 106 14.54 -19.48 -18.33
N VAL D 107 14.62 -20.03 -17.11
CA VAL D 107 15.39 -21.24 -16.82
C VAL D 107 14.49 -22.23 -16.08
N ALA D 108 14.43 -23.48 -16.56
CA ALA D 108 13.68 -24.53 -15.85
C ALA D 108 14.45 -25.02 -14.64
N PRO D 109 13.74 -25.36 -13.55
CA PRO D 109 14.43 -25.87 -12.37
C PRO D 109 14.86 -27.31 -12.58
N SER D 110 16.00 -27.66 -12.01
CA SER D 110 16.33 -29.07 -11.82
C SER D 110 15.54 -29.50 -10.60
N VAL D 111 14.80 -30.60 -10.69
CA VAL D 111 13.99 -31.07 -9.55
C VAL D 111 14.61 -32.32 -8.91
N PHE D 112 14.60 -32.36 -7.58
CA PHE D 112 15.13 -33.52 -6.86
C PHE D 112 14.19 -33.89 -5.72
N ILE D 113 14.12 -35.18 -5.38
CA ILE D 113 13.30 -35.58 -4.24
C ILE D 113 14.10 -36.39 -3.21
N PHE D 114 13.90 -36.10 -1.93
CA PHE D 114 14.63 -36.81 -0.90
C PHE D 114 13.73 -37.54 0.09
N PRO D 115 13.93 -38.85 0.25
CA PRO D 115 13.13 -39.61 1.21
C PRO D 115 13.58 -39.25 2.62
N PRO D 116 12.72 -39.49 3.63
CA PRO D 116 13.13 -39.28 5.03
C PRO D 116 14.30 -40.21 5.38
N SER D 117 15.16 -39.81 6.31
CA SER D 117 16.31 -40.63 6.66
C SER D 117 15.92 -41.66 7.73
N ASP D 118 16.64 -42.77 7.79
CA ASP D 118 16.36 -43.83 8.77
C ASP D 118 16.50 -43.27 10.18
N GLU D 119 17.44 -42.34 10.33
CA GLU D 119 17.70 -41.66 11.60
C GLU D 119 16.49 -40.83 12.06
N GLN D 120 15.77 -40.22 11.12
CA GLN D 120 14.58 -39.45 11.48
C GLN D 120 13.39 -40.37 11.80
N LEU D 121 13.21 -41.43 11.01
CA LEU D 121 12.13 -42.38 11.25
C LEU D 121 12.19 -43.02 12.65
N LYS D 122 13.40 -43.21 13.18
CA LYS D 122 13.57 -43.75 14.52
C LYS D 122 13.08 -42.79 15.60
N SER D 123 12.61 -41.60 15.20
CA SER D 123 12.06 -40.65 16.17
C SER D 123 10.59 -40.31 15.87
N GLY D 124 9.91 -41.19 15.13
CA GLY D 124 8.47 -41.07 14.95
C GLY D 124 7.99 -40.03 13.95
N THR D 125 8.91 -39.33 13.29
CA THR D 125 8.52 -38.37 12.27
C THR D 125 9.22 -38.62 10.93
N ALA D 126 8.58 -38.21 9.84
CA ALA D 126 9.14 -38.38 8.50
C ALA D 126 9.01 -37.08 7.70
N SER D 127 10.13 -36.55 7.23
CA SER D 127 10.07 -35.35 6.40
C SER D 127 10.53 -35.68 4.99
N VAL D 128 9.69 -35.35 4.02
CA VAL D 128 10.04 -35.55 2.62
C VAL D 128 10.34 -34.19 1.99
N VAL D 129 11.48 -34.10 1.32
CA VAL D 129 11.93 -32.81 0.79
C VAL D 129 11.97 -32.83 -0.73
N CYS D 130 11.48 -31.76 -1.32
CA CYS D 130 11.54 -31.54 -2.77
C CYS D 130 12.41 -30.31 -3.02
N LEU D 131 13.38 -30.43 -3.92
CA LEU D 131 14.26 -29.31 -4.25
C LEU D 131 14.03 -28.84 -5.68
N LEU D 132 13.83 -27.54 -5.86
CA LEU D 132 13.77 -26.92 -7.19
C LEU D 132 14.97 -25.99 -7.29
N ASN D 133 15.91 -26.34 -8.16
CA ASN D 133 17.21 -25.66 -8.13
C ASN D 133 17.43 -24.73 -9.33
N ASN D 134 17.79 -23.47 -9.06
CA ASN D 134 18.22 -22.53 -10.12
C ASN D 134 17.20 -22.33 -11.26
N PHE D 135 16.14 -21.59 -10.98
CA PHE D 135 15.10 -21.34 -11.97
C PHE D 135 14.67 -19.86 -12.03
N TYR D 136 14.03 -19.49 -13.14
CA TYR D 136 13.49 -18.15 -13.32
C TYR D 136 12.37 -18.26 -14.32
N PRO D 137 11.24 -17.55 -14.10
CA PRO D 137 10.97 -16.61 -12.99
C PRO D 137 10.64 -17.28 -11.66
N ARG D 138 10.45 -16.46 -10.62
CA ARG D 138 10.19 -16.97 -9.27
C ARG D 138 8.94 -17.84 -9.15
N GLU D 139 7.88 -17.51 -9.89
CA GLU D 139 6.63 -18.28 -9.81
C GLU D 139 6.86 -19.76 -10.15
N ALA D 140 6.37 -20.63 -9.27
CA ALA D 140 6.53 -22.07 -9.46
C ALA D 140 5.53 -22.81 -8.60
N LYS D 141 4.83 -23.77 -9.19
CA LYS D 141 3.85 -24.56 -8.47
C LYS D 141 4.41 -25.93 -8.03
N VAL D 142 4.39 -26.19 -6.72
CA VAL D 142 4.85 -27.48 -6.21
C VAL D 142 3.71 -28.22 -5.53
N GLN D 143 3.43 -29.43 -6.00
CA GLN D 143 2.36 -30.23 -5.41
C GLN D 143 2.87 -31.56 -4.92
N TRP D 144 2.47 -31.90 -3.70
CA TRP D 144 2.81 -33.19 -3.14
C TRP D 144 1.69 -34.15 -3.43
N LYS D 145 2.05 -35.30 -3.99
CA LYS D 145 1.09 -36.37 -4.18
C LYS D 145 1.59 -37.62 -3.46
N VAL D 146 0.72 -38.22 -2.66
CA VAL D 146 1.02 -39.46 -1.94
C VAL D 146 0.06 -40.56 -2.40
N ASP D 147 0.58 -41.57 -3.09
CA ASP D 147 -0.25 -42.56 -3.78
C ASP D 147 -1.24 -41.86 -4.70
N ASN D 148 -0.76 -40.85 -5.42
CA ASN D 148 -1.57 -40.04 -6.33
C ASN D 148 -2.76 -39.34 -5.69
N ALA D 149 -2.62 -39.00 -4.42
CA ALA D 149 -3.63 -38.22 -3.71
C ALA D 149 -3.01 -36.87 -3.31
N LEU D 150 -3.57 -35.79 -3.82
CA LEU D 150 -3.02 -34.46 -3.58
C LEU D 150 -3.04 -34.08 -2.11
N GLN D 151 -1.88 -33.66 -1.60
CA GLN D 151 -1.71 -33.25 -0.21
C GLN D 151 -1.93 -31.75 -0.06
N SER D 152 -2.32 -31.33 1.15
CA SER D 152 -2.49 -29.92 1.47
C SER D 152 -2.44 -29.70 2.97
N GLY D 153 -1.85 -28.58 3.39
CA GLY D 153 -1.81 -28.22 4.81
C GLY D 153 -0.71 -28.89 5.61
N ASN D 154 0.01 -29.81 4.97
CA ASN D 154 1.10 -30.53 5.65
C ASN D 154 2.46 -30.29 4.97
N SER D 155 2.56 -29.20 4.22
CA SER D 155 3.82 -28.86 3.59
C SER D 155 4.21 -27.41 3.91
N GLN D 156 5.51 -27.14 3.97
CA GLN D 156 5.97 -25.77 4.05
C GLN D 156 7.06 -25.54 3.03
N GLU D 157 7.09 -24.32 2.51
CA GLU D 157 7.91 -23.96 1.38
C GLU D 157 8.86 -22.85 1.80
N SER D 158 10.05 -22.83 1.20
CA SER D 158 11.01 -21.75 1.40
C SER D 158 11.76 -21.46 0.09
N VAL D 159 11.93 -20.18 -0.25
CA VAL D 159 12.60 -19.74 -1.48
C VAL D 159 13.82 -18.90 -1.13
N THR D 160 14.92 -19.08 -1.86
CA THR D 160 16.13 -18.27 -1.67
C THR D 160 15.98 -16.86 -2.25
N GLU D 161 16.85 -15.95 -1.82
CA GLU D 161 17.01 -14.65 -2.47
C GLU D 161 17.47 -14.90 -3.90
N GLN D 162 17.19 -13.97 -4.82
CA GLN D 162 17.68 -14.07 -6.20
C GLN D 162 19.22 -14.11 -6.19
N ASP D 163 19.80 -15.06 -6.90
CA ASP D 163 21.24 -15.26 -6.90
C ASP D 163 21.98 -14.07 -7.51
N SER D 164 22.96 -13.55 -6.81
CA SER D 164 23.67 -12.37 -7.29
C SER D 164 24.48 -12.68 -8.56
N LYS D 165 24.82 -13.95 -8.76
CA LYS D 165 25.60 -14.35 -9.92
C LYS D 165 24.73 -14.63 -11.16
N ASP D 166 23.75 -15.52 -11.04
CA ASP D 166 22.94 -15.86 -12.22
C ASP D 166 21.48 -15.41 -12.18
N SER D 167 21.08 -14.74 -11.11
CA SER D 167 19.74 -14.16 -11.00
C SER D 167 18.63 -15.21 -11.01
N THR D 168 18.91 -16.41 -10.51
CA THR D 168 17.89 -17.43 -10.41
C THR D 168 17.45 -17.62 -8.97
N TYR D 169 16.37 -18.38 -8.81
CA TYR D 169 15.91 -18.75 -7.49
C TYR D 169 16.04 -20.25 -7.29
N SER D 170 15.96 -20.65 -6.02
CA SER D 170 15.88 -22.04 -5.63
C SER D 170 14.79 -22.17 -4.57
N LEU D 171 14.14 -23.33 -4.54
CA LEU D 171 12.99 -23.50 -3.67
C LEU D 171 13.06 -24.85 -3.00
N SER D 172 12.77 -24.86 -1.70
CA SER D 172 12.72 -26.08 -0.91
C SER D 172 11.33 -26.29 -0.33
N SER D 173 10.75 -27.46 -0.57
CA SER D 173 9.45 -27.79 0.00
C SER D 173 9.55 -29.02 0.90
N THR D 174 9.01 -28.91 2.11
CA THR D 174 9.07 -30.02 3.07
C THR D 174 7.70 -30.56 3.41
N LEU D 175 7.51 -31.85 3.15
CA LEU D 175 6.27 -32.54 3.50
C LEU D 175 6.54 -33.32 4.78
N THR D 176 5.76 -33.04 5.83
CA THR D 176 5.96 -33.69 7.13
C THR D 176 4.80 -34.57 7.56
N LEU D 177 5.06 -35.86 7.68
CA LEU D 177 4.08 -36.83 8.16
C LEU D 177 4.60 -37.51 9.42
N SER D 178 3.68 -38.04 10.23
CA SER D 178 4.09 -38.89 11.35
C SER D 178 4.63 -40.18 10.74
N LYS D 179 5.51 -40.87 11.46
CA LYS D 179 6.03 -42.15 10.98
C LYS D 179 4.90 -43.16 10.76
N ALA D 180 3.85 -43.06 11.57
CA ALA D 180 2.68 -43.91 11.40
C ALA D 180 1.99 -43.71 10.05
N ASP D 181 1.70 -42.46 9.71
CA ASP D 181 1.06 -42.14 8.44
C ASP D 181 1.99 -42.46 7.27
N TYR D 182 3.29 -42.30 7.50
CA TYR D 182 4.28 -42.53 6.46
C TYR D 182 4.36 -43.99 6.06
N GLU D 183 4.27 -44.88 7.04
CA GLU D 183 4.37 -46.32 6.78
C GLU D 183 3.20 -46.85 5.95
N LYS D 184 2.03 -46.22 6.08
CA LYS D 184 0.83 -46.65 5.37
C LYS D 184 0.98 -46.66 3.85
N HIS D 185 1.56 -45.59 3.31
CA HIS D 185 1.58 -45.38 1.86
C HIS D 185 2.91 -45.80 1.21
N LYS D 186 2.88 -45.95 -0.10
CA LYS D 186 4.00 -46.53 -0.84
C LYS D 186 4.71 -45.51 -1.75
N VAL D 187 3.93 -44.69 -2.42
CA VAL D 187 4.46 -43.79 -3.44
C VAL D 187 4.42 -42.32 -3.03
N TYR D 188 5.59 -41.71 -2.98
CA TYR D 188 5.71 -40.30 -2.68
C TYR D 188 6.26 -39.54 -3.88
N ALA D 189 5.54 -38.51 -4.30
CA ALA D 189 5.96 -37.71 -5.44
C ALA D 189 5.73 -36.23 -5.19
N CYS D 190 6.56 -35.41 -5.82
CA CYS D 190 6.29 -33.99 -5.90
C CYS D 190 6.25 -33.58 -7.37
N GLU D 191 5.14 -32.94 -7.76
CA GLU D 191 4.95 -32.50 -9.13
C GLU D 191 5.21 -31.01 -9.25
N VAL D 192 6.10 -30.64 -10.18
CA VAL D 192 6.49 -29.25 -10.34
C VAL D 192 6.00 -28.68 -11.66
N THR D 193 5.40 -27.49 -11.59
CA THR D 193 4.99 -26.75 -12.77
C THR D 193 5.80 -25.46 -12.80
N HIS D 194 6.36 -25.12 -13.96
CA HIS D 194 7.16 -23.90 -14.12
C HIS D 194 7.29 -23.55 -15.60
N GLN D 195 7.37 -22.25 -15.89
CA GLN D 195 7.33 -21.72 -17.25
C GLN D 195 8.44 -22.30 -18.13
N GLY D 196 9.56 -22.64 -17.52
CA GLY D 196 10.70 -23.15 -18.26
C GLY D 196 10.57 -24.60 -18.67
N LEU D 197 9.59 -25.28 -18.10
CA LEU D 197 9.34 -26.68 -18.43
C LEU D 197 8.32 -26.76 -19.54
N SER D 198 8.41 -27.79 -20.37
CA SER D 198 7.48 -28.00 -21.47
C SER D 198 6.25 -28.76 -20.99
N SER D 199 6.36 -29.33 -19.79
CA SER D 199 5.31 -30.14 -19.20
C SER D 199 5.59 -30.25 -17.69
N PRO D 200 4.56 -30.52 -16.87
CA PRO D 200 4.82 -30.65 -15.42
C PRO D 200 5.75 -31.82 -15.17
N VAL D 201 6.70 -31.65 -14.26
CA VAL D 201 7.72 -32.66 -13.98
C VAL D 201 7.41 -33.37 -12.65
N THR D 202 7.42 -34.70 -12.66
CA THR D 202 7.15 -35.44 -11.42
C THR D 202 8.36 -36.28 -11.03
N LYS D 203 8.88 -36.03 -9.83
CA LYS D 203 9.91 -36.89 -9.24
C LYS D 203 9.24 -37.69 -8.15
N SER D 204 9.52 -38.99 -8.12
CA SER D 204 8.89 -39.88 -7.16
C SER D 204 9.91 -40.85 -6.58
N PHE D 205 9.55 -41.47 -5.47
CA PHE D 205 10.31 -42.60 -4.96
C PHE D 205 9.32 -43.57 -4.37
N ASN D 206 9.69 -44.84 -4.31
CA ASN D 206 8.83 -45.82 -3.70
C ASN D 206 9.34 -46.23 -2.33
N ARG D 207 8.55 -45.91 -1.30
CA ARG D 207 8.91 -46.22 0.09
C ARG D 207 9.34 -47.68 0.27
N GLY D 208 10.63 -47.94 0.05
CA GLY D 208 11.17 -49.29 0.11
C GLY D 208 12.55 -49.40 -0.53
C1 GOL E . -12.55 14.16 2.45
O1 GOL E . -12.33 12.78 2.65
C2 GOL E . -13.47 14.40 1.24
O2 GOL E . -12.69 14.44 0.06
C3 GOL E . -14.50 13.28 1.14
O3 GOL E . -15.18 13.16 2.36
C1 GOL F . -25.37 -10.74 -21.21
O1 GOL F . -24.08 -10.94 -20.71
C2 GOL F . -26.40 -11.23 -20.20
O2 GOL F . -26.86 -12.50 -20.61
C3 GOL F . -27.54 -10.20 -20.13
O3 GOL F . -27.90 -9.95 -18.79
C1 GOL G . -17.27 -21.25 -7.76
O1 GOL G . -17.42 -22.40 -6.94
C2 GOL G . -15.93 -20.58 -7.45
O2 GOL G . -14.92 -21.55 -7.52
C3 GOL G . -15.64 -19.45 -8.44
O3 GOL G . -16.44 -18.29 -8.22
C1 GOL H . 13.86 -7.17 30.42
O1 GOL H . 12.91 -6.27 30.94
C2 GOL H . 14.96 -6.38 29.70
O2 GOL H . 16.22 -6.81 30.19
C3 GOL H . 14.86 -6.62 28.19
O3 GOL H . 15.82 -5.87 27.47
C1 GOL I . 15.74 11.45 32.68
O1 GOL I . 14.87 11.95 33.69
C2 GOL I . 16.90 12.42 32.50
O2 GOL I . 16.46 13.75 32.69
C3 GOL I . 17.46 12.22 31.09
O3 GOL I . 17.67 13.48 30.48
#